data_1GO4
#
_entry.id   1GO4
#
_cell.length_a   111.037
_cell.length_b   63.023
_cell.length_c   139.511
_cell.angle_alpha   90.00
_cell.angle_beta   111.65
_cell.angle_gamma   90.00
#
_symmetry.space_group_name_H-M   'P 1 21 1'
#
loop_
_entity.id
_entity.type
_entity.pdbx_description
1 polymer 'Mitotic spindle assembly checkpoint protein MAD2A'
2 polymer 'Mitotic spindle assembly checkpoint protein MAD1'
3 water water
#
loop_
_entity_poly.entity_id
_entity_poly.type
_entity_poly.pdbx_seq_one_letter_code
_entity_poly.pdbx_strand_id
1 'polypeptide(L)'
;MALQLSREQGITLRGSAEIVAEFFSFGINSILYQRGIYPSETFTRVQKYGLTLLVTTDLELIKYLNNVVEQLKDWLYKCS
VQKLVVVISNIESGEVLERWQFDIECDKTAKDDSAPREKSQKAIQDEIRSVIAQITATVTFLPLLEVSCSFDLLIYTDKD
LVVPEKWEESGPQFITNSEEVRLRSFTTTIHKVNSMVAYKIPVND
;
A,B,C,D
2 'polypeptide(L)'
;SSAEQSFLFSREEADTLRLKVEELEGERSRLEEEKRMLEAQLERRALQGDYDQSRTKVLHMSLNPTSVARQRLREDHSQL
QAECERLRGLLRAMERGGTV
;
E,F,G,H
#
# COMPACT_ATOMS: atom_id res chain seq x y z
N GLU A 8 -6.32 33.73 40.34
CA GLU A 8 -6.91 32.91 39.25
C GLU A 8 -7.11 33.86 38.11
N GLN A 9 -6.43 33.59 37.01
CA GLN A 9 -6.55 34.38 35.79
C GLN A 9 -6.14 33.56 34.64
N GLY A 10 -7.03 32.62 34.38
CA GLY A 10 -5.89 31.60 33.45
C GLY A 10 -4.40 31.54 33.24
N ILE A 11 -4.07 30.80 32.21
CA ILE A 11 -2.71 30.58 31.80
C ILE A 11 -2.55 31.11 30.42
N THR A 12 -1.60 32.01 30.26
CA THR A 12 -1.33 32.58 28.96
C THR A 12 -0.17 31.77 28.43
N LEU A 13 0.25 32.08 27.21
CA LEU A 13 1.38 31.38 26.63
C LEU A 13 2.63 31.87 27.35
N ARG A 14 2.74 33.18 27.54
CA ARG A 14 3.90 33.76 28.21
C ARG A 14 3.96 33.30 29.67
N GLY A 15 2.80 33.19 30.30
CA GLY A 15 2.76 32.76 31.68
C GLY A 15 3.23 31.32 31.85
N SER A 16 2.81 30.45 30.94
CA SER A 16 3.18 29.04 30.98
C SER A 16 4.70 28.91 30.84
N ALA A 17 5.27 29.66 29.90
CA ALA A 17 6.71 29.63 29.67
C ALA A 17 7.47 30.11 30.90
N GLU A 18 6.91 31.08 31.62
CA GLU A 18 7.55 31.61 32.81
C GLU A 18 7.56 30.55 33.93
N ILE A 19 6.44 29.84 34.10
CA ILE A 19 6.30 28.80 35.12
C ILE A 19 7.16 27.59 34.81
N VAL A 20 7.16 27.13 33.56
CA VAL A 20 7.96 25.95 33.19
C VAL A 20 9.46 26.25 33.32
N ALA A 21 9.87 27.44 32.86
CA ALA A 21 11.25 27.88 32.94
C ALA A 21 11.70 27.83 34.41
N GLU A 22 10.88 28.36 35.29
CA GLU A 22 11.20 28.39 36.70
C GLU A 22 11.37 26.95 37.22
N PHE A 23 10.45 26.06 36.87
CA PHE A 23 10.57 24.67 37.30
C PHE A 23 11.94 24.14 36.89
N PHE A 24 12.38 24.46 35.68
CA PHE A 24 13.69 23.98 35.25
C PHE A 24 14.87 24.58 36.03
N SER A 25 14.80 25.87 36.34
CA SER A 25 15.83 26.55 37.13
C SER A 25 16.02 25.81 38.48
N PHE A 26 14.93 25.62 39.21
CA PHE A 26 14.99 24.94 40.49
C PHE A 26 15.30 23.45 40.38
N GLY A 27 14.70 22.75 39.43
CA GLY A 27 14.97 21.33 39.31
C GLY A 27 16.46 21.04 39.02
N ILE A 28 17.01 21.79 38.08
CA ILE A 28 18.41 21.60 37.70
C ILE A 28 19.31 21.86 38.91
N ASN A 29 19.01 22.91 39.67
CA ASN A 29 19.78 23.24 40.88
C ASN A 29 19.76 22.07 41.85
N SER A 30 18.57 21.52 42.08
CA SER A 30 18.44 20.39 43.00
C SER A 30 19.27 19.21 42.53
N ILE A 31 19.25 18.96 41.22
CA ILE A 31 20.03 17.82 40.73
C ILE A 31 21.51 18.10 40.95
N LEU A 32 21.98 19.29 40.62
CA LEU A 32 23.39 19.59 40.82
C LEU A 32 23.82 19.43 42.27
N TYR A 33 23.02 19.94 43.19
CA TYR A 33 23.32 19.83 44.61
C TYR A 33 23.31 18.36 45.09
N GLN A 34 22.20 17.67 44.83
CA GLN A 34 22.01 16.29 45.27
C GLN A 34 23.00 15.26 44.71
N ARG A 35 23.39 15.45 43.45
CA ARG A 35 24.30 14.51 42.84
C ARG A 35 25.78 14.88 43.12
N GLY A 36 25.98 15.99 43.83
CA GLY A 36 27.31 16.44 44.18
C GLY A 36 28.15 16.92 43.01
N ILE A 37 27.51 17.55 42.02
CA ILE A 37 28.25 18.05 40.86
C ILE A 37 29.05 19.28 41.26
N TYR A 38 28.57 20.00 42.26
CA TYR A 38 29.28 21.17 42.79
C TYR A 38 29.27 20.97 44.31
N PRO A 39 30.25 21.55 45.00
CA PRO A 39 30.40 21.45 46.47
C PRO A 39 29.14 21.90 47.21
N SER A 40 28.74 21.10 48.19
CA SER A 40 27.57 21.39 48.99
C SER A 40 27.57 22.84 49.52
N GLU A 41 28.75 23.34 49.92
CA GLU A 41 28.78 24.68 50.47
C GLU A 41 28.52 25.80 49.46
N THR A 42 28.48 25.47 48.17
CA THR A 42 28.21 26.49 47.15
C THR A 42 26.70 26.65 46.85
N PHE A 43 25.86 26.02 47.66
CA PHE A 43 24.40 26.15 47.51
C PHE A 43 23.84 26.71 48.80
N THR A 44 22.69 27.37 48.72
CA THR A 44 22.06 27.90 49.92
C THR A 44 20.61 27.44 49.91
N ARG A 45 20.00 27.36 51.10
CA ARG A 45 18.64 26.91 51.20
C ARG A 45 17.61 28.01 50.95
N VAL A 46 16.53 27.67 50.26
CA VAL A 46 15.46 28.63 50.01
C VAL A 46 14.16 27.88 50.04
N GLN A 47 13.05 28.62 50.08
CA GLN A 47 11.74 27.98 50.09
C GLN A 47 11.09 28.27 48.75
N LYS A 48 10.61 27.20 48.11
CA LYS A 48 9.94 27.34 46.82
C LYS A 48 8.98 26.15 46.76
N TYR A 49 7.78 26.40 46.22
CA TYR A 49 6.73 25.38 46.12
C TYR A 49 6.41 24.77 47.46
N GLY A 50 6.67 25.49 48.56
CA GLY A 50 6.40 24.94 49.89
C GLY A 50 7.45 23.95 50.41
N LEU A 51 8.54 23.80 49.67
CA LEU A 51 9.59 22.84 50.03
C LEU A 51 10.88 23.61 50.32
N THR A 52 11.87 22.95 50.92
CA THR A 52 13.15 23.61 51.12
C THR A 52 14.04 23.06 49.99
N LEU A 53 14.56 23.95 49.17
CA LEU A 53 15.38 23.53 48.04
C LEU A 53 16.72 24.24 48.06
N LEU A 54 17.72 23.64 47.43
CA LEU A 54 19.03 24.24 47.38
C LEU A 54 19.31 24.86 46.03
N VAL A 55 19.82 26.09 46.04
CA VAL A 55 20.17 26.76 44.80
C VAL A 55 21.61 27.27 44.91
N THR A 56 22.31 27.29 43.79
CA THR A 56 23.69 27.71 43.77
C THR A 56 23.94 29.18 44.08
N THR A 57 25.10 29.40 44.67
CA THR A 57 25.53 30.72 45.06
C THR A 57 26.77 31.04 44.21
N ASP A 58 27.18 30.03 43.43
CA ASP A 58 28.33 30.13 42.52
C ASP A 58 28.01 31.06 41.36
N LEU A 59 28.68 32.21 41.33
CA LEU A 59 28.51 33.22 40.28
C LEU A 59 28.61 32.69 38.86
N GLU A 60 29.59 31.85 38.60
CA GLU A 60 29.77 31.31 37.26
C GLU A 60 28.61 30.40 36.84
N LEU A 61 28.24 29.49 37.73
CA LEU A 61 27.15 28.56 37.49
C LEU A 61 25.86 29.34 37.26
N ILE A 62 25.68 30.37 38.07
CA ILE A 62 24.49 31.20 37.97
C ILE A 62 24.39 31.82 36.59
N LYS A 63 25.49 32.37 36.10
CA LYS A 63 25.48 33.01 34.79
C LYS A 63 25.05 32.04 33.70
N TYR A 64 25.63 30.85 33.73
CA TYR A 64 25.35 29.83 32.73
C TYR A 64 23.90 29.33 32.78
N LEU A 65 23.43 29.00 33.98
CA LEU A 65 22.06 28.51 34.11
C LEU A 65 21.09 29.60 33.61
N ASN A 66 21.32 30.83 34.03
CA ASN A 66 20.46 31.90 33.59
C ASN A 66 20.44 32.03 32.08
N ASN A 67 21.61 31.96 31.45
CA ASN A 67 21.64 32.06 29.99
C ASN A 67 20.80 30.95 29.38
N VAL A 68 20.96 29.73 29.87
CA VAL A 68 20.20 28.62 29.32
C VAL A 68 18.71 28.77 29.65
N VAL A 69 18.38 29.05 30.90
CA VAL A 69 16.98 29.22 31.28
C VAL A 69 16.31 30.33 30.47
N GLU A 70 16.99 31.45 30.26
CA GLU A 70 16.44 32.56 29.50
C GLU A 70 16.11 32.16 28.07
N GLN A 71 17.01 31.39 27.45
CA GLN A 71 16.80 30.94 26.09
C GLN A 71 15.71 29.88 26.02
N LEU A 72 15.63 29.05 27.05
CA LEU A 72 14.63 28.00 27.14
C LEU A 72 13.25 28.65 27.24
N LYS A 73 13.19 29.77 27.96
CA LYS A 73 11.94 30.50 28.14
C LYS A 73 11.48 31.08 26.81
N ASP A 74 12.45 31.43 25.96
CA ASP A 74 12.16 32.00 24.65
C ASP A 74 11.57 30.94 23.74
N TRP A 75 12.24 29.79 23.70
CA TRP A 75 11.82 28.69 22.87
C TRP A 75 10.53 28.05 23.39
N LEU A 76 10.22 28.30 24.66
CA LEU A 76 9.00 27.76 25.23
C LEU A 76 7.86 28.66 24.72
N TYR A 77 8.09 29.97 24.71
CA TYR A 77 7.07 30.88 24.22
C TYR A 77 6.77 30.56 22.76
N LYS A 78 7.81 30.34 21.98
CA LYS A 78 7.67 30.02 20.57
C LYS A 78 7.21 28.57 20.34
N CYS A 79 7.11 27.79 21.42
CA CYS A 79 6.68 26.40 21.33
C CYS A 79 7.59 25.55 20.45
N SER A 80 8.85 25.94 20.37
CA SER A 80 9.83 25.26 19.53
C SER A 80 10.72 24.25 20.27
N VAL A 81 10.66 24.24 21.60
CA VAL A 81 11.47 23.30 22.37
C VAL A 81 10.79 21.96 22.56
N GLN A 82 11.52 20.90 22.31
CA GLN A 82 11.01 19.54 22.46
C GLN A 82 11.56 18.76 23.69
N LYS A 83 12.73 19.17 24.19
CA LYS A 83 13.34 18.50 25.37
C LYS A 83 14.43 19.33 26.02
N LEU A 84 14.72 18.97 27.27
CA LEU A 84 15.82 19.56 28.04
C LEU A 84 16.47 18.29 28.63
N VAL A 85 17.77 18.12 28.43
CA VAL A 85 18.47 16.96 28.98
C VAL A 85 19.61 17.47 29.85
N VAL A 86 19.80 16.82 30.99
CA VAL A 86 20.86 17.20 31.90
C VAL A 86 21.83 16.07 31.74
N VAL A 87 22.97 16.36 31.11
CA VAL A 87 23.95 15.31 30.89
C VAL A 87 25.07 15.36 31.95
N ILE A 88 25.28 14.26 32.64
CA ILE A 88 26.32 14.23 33.64
C ILE A 88 27.43 13.27 33.19
N SER A 89 28.62 13.80 32.95
CA SER A 89 29.71 12.94 32.48
C SER A 89 31.05 13.00 33.26
N ASN A 90 31.80 11.90 33.14
CA ASN A 90 33.14 11.73 33.72
C ASN A 90 33.95 12.77 32.94
N ILE A 91 34.46 13.78 33.63
CA ILE A 91 35.22 14.85 32.96
C ILE A 91 36.44 14.35 32.18
N GLU A 92 37.09 13.32 32.70
CA GLU A 92 38.28 12.78 32.06
C GLU A 92 38.00 11.87 30.85
N SER A 93 37.22 10.81 31.04
CA SER A 93 36.94 9.88 29.96
C SER A 93 35.77 10.27 29.05
N GLY A 94 35.02 11.29 29.46
CA GLY A 94 33.88 11.73 28.69
C GLY A 94 32.67 10.80 28.80
N GLU A 95 32.78 9.71 29.54
CA GLU A 95 31.66 8.78 29.65
C GLU A 95 30.42 9.44 30.30
N VAL A 96 29.26 9.17 29.73
CA VAL A 96 28.02 9.71 30.27
C VAL A 96 27.64 8.80 31.42
N LEU A 97 27.58 9.36 32.62
CA LEU A 97 27.26 8.53 33.78
C LEU A 97 25.80 8.65 34.23
N GLU A 98 25.17 9.78 33.94
CA GLU A 98 23.78 9.97 34.31
C GLU A 98 23.15 10.89 33.29
N ARG A 99 21.85 10.70 33.06
CA ARG A 99 21.22 11.53 32.05
C ARG A 99 19.76 11.80 32.43
N TRP A 100 19.44 13.03 32.81
CA TRP A 100 18.06 13.37 33.14
C TRP A 100 17.41 13.91 31.88
N GLN A 101 16.35 13.26 31.40
CA GLN A 101 15.68 13.74 30.19
C GLN A 101 14.29 14.28 30.50
N PHE A 102 14.04 15.53 30.10
CA PHE A 102 12.73 16.14 30.33
C PHE A 102 12.00 16.37 28.98
N ASP A 103 11.00 15.55 28.68
CA ASP A 103 10.24 15.72 27.43
C ASP A 103 9.26 16.89 27.58
N ILE A 104 9.36 17.87 26.68
CA ILE A 104 8.53 19.05 26.70
C ILE A 104 7.58 19.13 25.48
N GLU A 105 6.28 19.04 25.72
CA GLU A 105 5.28 19.13 24.65
C GLU A 105 4.59 20.48 24.64
N CYS A 106 4.88 21.29 23.62
CA CYS A 106 4.30 22.62 23.48
C CYS A 106 3.06 22.57 22.59
N ASP A 107 1.97 23.22 23.01
CA ASP A 107 0.76 23.24 22.19
C ASP A 107 0.82 24.50 21.34
N LYS A 108 1.23 24.34 20.10
CA LYS A 108 1.36 25.47 19.18
C LYS A 108 0.09 26.29 18.96
N THR A 109 -1.05 25.82 19.48
CA THR A 109 -2.31 26.55 19.30
C THR A 109 -2.55 27.61 20.37
N ALA A 110 -1.82 27.52 21.49
CA ALA A 110 -1.99 28.47 22.59
C ALA A 110 -1.73 29.92 22.19
N LYS A 111 -1.30 30.12 20.95
CA LYS A 111 -1.00 31.46 20.46
C LYS A 111 -2.19 31.97 19.68
N ASP A 112 -2.93 31.03 19.11
CA ASP A 112 -4.12 31.36 18.35
C ASP A 112 -5.27 31.37 19.34
N ASP A 113 -4.95 31.59 20.61
CA ASP A 113 -5.99 31.62 21.63
C ASP A 113 -6.53 33.01 21.89
N SER A 114 -7.85 33.10 22.02
CA SER A 114 -8.54 34.35 22.28
C SER A 114 -8.34 34.80 23.72
N ALA A 115 -8.53 33.87 24.65
CA ALA A 115 -8.38 34.17 26.08
C ALA A 115 -7.55 33.10 26.81
N PRO A 116 -7.08 33.44 28.03
CA PRO A 116 -6.29 32.51 28.83
C PRO A 116 -6.94 31.15 28.87
N ARG A 117 -6.15 30.11 29.18
CA ARG A 117 -6.70 28.77 29.27
C ARG A 117 -7.16 28.57 30.70
N GLU A 118 -8.07 27.63 30.90
CA GLU A 118 -8.64 27.39 32.21
C GLU A 118 -7.99 26.30 33.06
N LYS A 119 -7.09 26.70 33.94
CA LYS A 119 -6.46 25.76 34.85
C LYS A 119 -6.04 26.50 36.12
N SER A 120 -6.53 26.01 37.26
CA SER A 120 -6.24 26.59 38.55
C SER A 120 -4.74 26.87 38.69
N GLN A 121 -4.39 28.01 39.29
CA GLN A 121 -2.98 28.32 39.51
C GLN A 121 -2.49 27.34 40.56
N LYS A 122 -3.37 27.03 41.49
CA LYS A 122 -3.09 26.09 42.58
C LYS A 122 -2.85 24.68 42.05
N ALA A 123 -3.65 24.27 41.06
CA ALA A 123 -3.53 22.93 40.49
C ALA A 123 -2.19 22.76 39.75
N ILE A 124 -1.75 23.81 39.07
CA ILE A 124 -0.49 23.73 38.36
C ILE A 124 0.65 23.63 39.39
N GLN A 125 0.59 24.47 40.40
CA GLN A 125 1.60 24.49 41.43
C GLN A 125 1.67 23.16 42.20
N ASP A 126 0.52 22.56 42.53
CA ASP A 126 0.51 21.28 43.22
C ASP A 126 1.21 20.22 42.34
N GLU A 127 0.98 20.28 41.03
CA GLU A 127 1.59 19.33 40.09
C GLU A 127 3.12 19.50 40.03
N ILE A 128 3.55 20.76 39.92
CA ILE A 128 4.98 21.05 39.85
C ILE A 128 5.63 20.62 41.17
N ARG A 129 5.01 20.96 42.29
CA ARG A 129 5.54 20.58 43.58
C ARG A 129 5.70 19.07 43.69
N SER A 130 4.76 18.33 43.12
CA SER A 130 4.79 16.88 43.16
C SER A 130 5.99 16.27 42.40
N VAL A 131 6.39 16.92 41.31
CA VAL A 131 7.52 16.45 40.51
C VAL A 131 8.82 16.84 41.23
N ILE A 132 8.93 18.11 41.66
CA ILE A 132 10.13 18.54 42.39
C ILE A 132 10.26 17.62 43.60
N ALA A 133 9.15 17.30 44.27
CA ALA A 133 9.24 16.42 45.43
C ALA A 133 9.91 15.09 45.03
N GLN A 134 9.53 14.55 43.89
CA GLN A 134 10.12 13.28 43.43
C GLN A 134 11.62 13.44 43.10
N ILE A 135 11.98 14.57 42.51
CA ILE A 135 13.37 14.80 42.23
C ILE A 135 14.17 14.76 43.54
N THR A 136 13.69 15.46 44.57
CA THR A 136 14.42 15.47 45.83
C THR A 136 14.50 14.10 46.47
N ALA A 137 13.49 13.25 46.25
CA ALA A 137 13.47 11.91 46.84
C ALA A 137 14.45 10.90 46.19
N THR A 138 14.96 11.21 45.01
CA THR A 138 15.89 10.26 44.35
C THR A 138 17.19 10.03 45.14
N VAL A 139 17.43 10.85 46.17
CA VAL A 139 18.63 10.66 47.00
C VAL A 139 18.56 9.30 47.68
N THR A 140 17.38 8.70 47.75
CA THR A 140 17.24 7.40 48.40
C THR A 140 17.69 6.21 47.52
N PHE A 141 17.97 6.42 46.23
CA PHE A 141 18.40 5.27 45.42
C PHE A 141 19.51 5.56 44.39
N LEU A 142 19.72 6.82 43.99
CA LEU A 142 20.78 7.12 43.03
C LEU A 142 22.15 6.90 43.68
N PRO A 143 23.06 6.24 42.95
CA PRO A 143 24.41 5.90 43.36
C PRO A 143 25.34 7.07 43.57
N LEU A 144 26.29 6.87 44.47
CA LEU A 144 27.30 7.90 44.71
C LEU A 144 28.15 7.94 43.46
N LEU A 145 28.39 9.12 42.89
CA LEU A 145 29.23 9.21 41.72
C LEU A 145 30.65 9.21 42.28
N GLU A 146 31.49 8.28 41.83
CA GLU A 146 32.85 8.22 42.36
C GLU A 146 33.96 8.76 41.46
N VAL A 147 33.63 9.70 40.60
CA VAL A 147 34.63 10.31 39.72
C VAL A 147 34.26 11.77 39.53
N SER A 148 35.23 12.61 39.21
CA SER A 148 34.96 14.02 39.04
C SER A 148 34.14 14.25 37.77
N CYS A 149 32.91 14.69 37.95
CA CYS A 149 32.00 14.91 36.84
C CYS A 149 31.67 16.34 36.59
N SER A 150 31.08 16.58 35.42
CA SER A 150 30.60 17.89 35.06
C SER A 150 29.23 17.65 34.43
N PHE A 151 28.58 18.72 33.98
CA PHE A 151 27.29 18.53 33.36
C PHE A 151 27.13 19.48 32.20
N ASP A 152 26.17 19.21 31.33
CA ASP A 152 25.90 20.08 30.20
C ASP A 152 24.38 19.99 29.97
N LEU A 153 23.79 21.11 29.53
CA LEU A 153 22.36 21.17 29.26
C LEU A 153 22.06 21.13 27.73
N LEU A 154 21.50 20.02 27.26
CA LEU A 154 21.14 19.87 25.86
C LEU A 154 19.65 20.26 25.73
N ILE A 155 19.32 20.98 24.66
CA ILE A 155 17.93 21.37 24.41
C ILE A 155 17.52 20.95 23.01
N TYR A 156 16.62 19.97 22.94
CA TYR A 156 16.10 19.48 21.68
C TYR A 156 15.08 20.51 21.21
N THR A 157 15.15 20.89 19.93
CA THR A 157 14.22 21.89 19.39
C THR A 157 13.75 21.45 18.03
N ASP A 158 12.86 22.24 17.43
CA ASP A 158 12.36 21.94 16.09
C ASP A 158 13.49 22.26 15.10
N LYS A 159 13.61 21.46 14.05
CA LYS A 159 14.66 21.63 13.06
C LYS A 159 14.69 23.02 12.42
N ASP A 160 13.52 23.56 12.13
CA ASP A 160 13.43 24.87 11.53
C ASP A 160 13.52 25.95 12.60
N LEU A 161 14.70 26.11 13.19
CA LEU A 161 14.89 27.10 14.24
C LEU A 161 16.26 27.75 14.13
N VAL A 162 16.27 29.08 14.10
CA VAL A 162 17.52 29.82 14.00
C VAL A 162 18.36 29.54 15.24
N VAL A 163 19.54 28.97 15.04
CA VAL A 163 20.43 28.67 16.16
C VAL A 163 21.13 29.94 16.63
N PRO A 164 20.74 30.43 17.82
CA PRO A 164 21.35 31.63 18.42
C PRO A 164 22.85 31.60 18.50
N GLU A 165 23.45 32.76 18.46
CA GLU A 165 24.87 32.82 18.62
C GLU A 165 25.14 32.33 20.03
N LYS A 166 26.35 31.88 20.19
CA LYS A 166 26.63 31.33 21.48
C LYS A 166 26.04 29.98 21.59
N TRP A 167 25.24 29.55 20.65
CA TRP A 167 24.76 28.19 20.77
C TRP A 167 25.27 27.44 19.54
N GLU A 168 25.25 26.11 19.57
CA GLU A 168 25.67 25.29 18.44
C GLU A 168 25.00 23.92 18.59
N GLU A 169 24.99 23.16 17.51
CA GLU A 169 24.39 21.84 17.52
C GLU A 169 25.36 20.88 18.21
N SER A 170 24.87 19.79 18.79
CA SER A 170 25.76 18.81 19.42
C SER A 170 25.13 17.42 19.42
N GLY A 171 25.89 16.43 19.88
CA GLY A 171 25.39 15.08 19.95
C GLY A 171 24.34 14.89 21.06
N PRO A 172 23.66 13.74 21.08
CA PRO A 172 22.63 13.43 22.08
C PRO A 172 23.20 12.95 23.42
N GLN A 173 24.47 12.55 23.42
CA GLN A 173 25.12 12.04 24.64
C GLN A 173 24.28 10.94 25.24
N PHE A 174 23.99 9.90 24.47
CA PHE A 174 23.19 8.81 25.00
C PHE A 174 23.95 8.04 26.07
N ILE A 175 23.22 7.34 26.93
CA ILE A 175 23.81 6.59 28.01
C ILE A 175 23.75 5.10 27.73
N THR A 176 24.70 4.36 28.26
CA THR A 176 24.73 2.92 28.02
C THR A 176 24.68 2.14 29.31
N ASN A 177 24.17 0.91 29.23
CA ASN A 177 24.04 0.03 30.40
C ASN A 177 23.45 0.83 31.57
N SER A 178 22.30 1.47 31.34
CA SER A 178 21.67 2.26 32.38
C SER A 178 20.38 1.70 32.93
N GLU A 179 19.89 2.34 33.99
CA GLU A 179 18.67 2.00 34.68
C GLU A 179 17.79 3.24 34.52
N GLU A 180 16.48 3.06 34.38
CA GLU A 180 15.57 4.19 34.17
C GLU A 180 14.42 4.30 35.19
N VAL A 181 14.12 5.52 35.60
CA VAL A 181 13.02 5.80 36.52
C VAL A 181 12.25 7.01 36.00
N ARG A 182 10.98 6.79 35.72
CA ARG A 182 10.08 7.82 35.22
C ARG A 182 9.39 8.48 36.40
N LEU A 183 9.36 9.80 36.41
CA LEU A 183 8.69 10.58 37.47
C LEU A 183 7.30 11.04 36.93
N ARG A 184 6.53 11.73 37.76
CA ARG A 184 5.21 12.24 37.34
C ARG A 184 5.41 13.32 36.28
N SER A 185 4.36 13.58 35.52
CA SER A 185 4.43 14.64 34.53
C SER A 185 3.65 15.77 35.16
N PHE A 186 3.67 16.93 34.50
CA PHE A 186 2.85 18.07 34.93
C PHE A 186 2.51 18.86 33.65
N THR A 187 1.38 19.57 33.65
CA THR A 187 0.99 20.37 32.49
C THR A 187 0.26 21.67 32.81
N THR A 188 0.46 22.68 31.99
CA THR A 188 -0.20 23.96 32.16
C THR A 188 -1.25 24.08 31.05
N THR A 189 -1.57 22.94 30.43
CA THR A 189 -2.49 22.79 29.30
C THR A 189 -1.87 23.40 28.05
N ILE A 190 -0.65 23.92 28.20
CA ILE A 190 -0.07 24.76 27.11
C ILE A 190 1.27 24.05 26.96
N HIS A 191 1.94 23.78 28.09
CA HIS A 191 3.20 23.05 28.04
C HIS A 191 3.09 21.90 29.00
N LYS A 192 3.35 20.70 28.47
CA LYS A 192 3.34 19.51 29.28
C LYS A 192 4.81 19.09 29.48
N VAL A 193 5.15 18.67 30.69
CA VAL A 193 6.53 18.30 30.98
C VAL A 193 6.66 16.93 31.63
N ASN A 194 7.37 16.04 30.95
CA ASN A 194 7.62 14.72 31.48
C ASN A 194 9.05 14.70 32.02
N SER A 195 9.28 13.94 33.09
CA SER A 195 10.60 13.85 33.74
C SER A 195 11.07 12.42 33.98
N MET A 196 12.35 12.17 33.71
CA MET A 196 12.93 10.86 33.97
C MET A 196 14.44 10.89 34.15
N VAL A 197 14.96 9.88 34.83
CA VAL A 197 16.39 9.74 35.09
C VAL A 197 16.92 8.37 34.70
N ALA A 198 17.98 8.37 33.89
CA ALA A 198 18.68 7.15 33.48
C ALA A 198 20.03 7.24 34.24
N TYR A 199 20.39 6.20 34.97
CA TYR A 199 21.63 6.23 35.74
C TYR A 199 22.31 4.86 35.68
N LYS A 200 23.53 4.78 36.22
CA LYS A 200 24.30 3.55 36.20
C LYS A 200 24.51 2.93 37.57
N ILE A 201 24.10 1.67 37.69
CA ILE A 201 24.23 0.94 38.93
C ILE A 201 25.58 0.24 38.95
N PRO A 202 26.29 0.31 40.09
CA PRO A 202 27.60 -0.32 40.26
C PRO A 202 27.42 -1.84 40.20
N VAL A 203 27.85 -2.45 39.10
CA VAL A 203 27.71 -3.90 38.90
C VAL A 203 28.08 -4.70 40.16
N GLY B 10 -26.67 -25.69 14.30
CA GLY B 10 -25.37 -25.32 13.61
C GLY B 10 -25.54 -25.39 12.10
N ILE B 11 -24.70 -24.69 11.35
CA ILE B 11 -24.83 -24.72 9.89
C ILE B 11 -24.09 -25.88 9.21
N THR B 12 -24.85 -26.77 8.56
CA THR B 12 -24.27 -27.89 7.82
C THR B 12 -24.37 -27.58 6.30
N LEU B 13 -23.54 -28.24 5.50
CA LEU B 13 -23.55 -28.07 4.07
C LEU B 13 -24.97 -28.21 3.54
N ARG B 14 -25.65 -29.30 3.88
CA ARG B 14 -27.00 -29.48 3.41
C ARG B 14 -27.97 -28.40 3.89
N GLY B 15 -27.72 -27.89 5.09
CA GLY B 15 -28.58 -26.85 5.64
C GLY B 15 -28.33 -25.50 4.96
N SER B 16 -27.08 -25.25 4.58
CA SER B 16 -26.74 -24.02 3.90
C SER B 16 -27.47 -24.00 2.55
N ALA B 17 -27.49 -25.16 1.87
CA ALA B 17 -28.13 -25.32 0.57
C ALA B 17 -29.63 -25.02 0.62
N GLU B 18 -30.30 -25.56 1.62
CA GLU B 18 -31.73 -25.35 1.78
C GLU B 18 -32.01 -23.88 2.08
N ILE B 19 -31.18 -23.26 2.90
CA ILE B 19 -31.39 -21.85 3.24
C ILE B 19 -31.24 -20.98 1.98
N VAL B 20 -30.18 -21.22 1.21
CA VAL B 20 -29.89 -20.44 0.00
C VAL B 20 -30.99 -20.67 -1.05
N ALA B 21 -31.39 -21.91 -1.23
CA ALA B 21 -32.43 -22.21 -2.21
C ALA B 21 -33.69 -21.47 -1.85
N GLU B 22 -34.04 -21.50 -0.55
CA GLU B 22 -35.25 -20.85 -0.10
C GLU B 22 -35.12 -19.37 -0.33
N PHE B 23 -33.97 -18.81 -0.03
CA PHE B 23 -33.78 -17.39 -0.28
C PHE B 23 -34.07 -17.06 -1.76
N PHE B 24 -33.55 -17.89 -2.67
CA PHE B 24 -33.78 -17.61 -4.10
C PHE B 24 -35.25 -17.67 -4.48
N SER B 25 -35.98 -18.63 -3.91
CA SER B 25 -37.40 -18.73 -4.21
C SER B 25 -38.09 -17.41 -3.83
N PHE B 26 -37.80 -16.87 -2.63
CA PHE B 26 -38.41 -15.61 -2.22
C PHE B 26 -37.82 -14.40 -2.94
N GLY B 27 -36.51 -14.41 -3.12
CA GLY B 27 -35.88 -13.29 -3.78
C GLY B 27 -36.38 -13.08 -5.21
N ILE B 28 -36.49 -14.18 -5.96
CA ILE B 28 -36.95 -14.11 -7.35
C ILE B 28 -38.39 -13.58 -7.36
N ASN B 29 -39.25 -14.20 -6.56
CA ASN B 29 -40.64 -13.77 -6.44
C ASN B 29 -40.78 -12.26 -6.20
N SER B 30 -39.99 -11.73 -5.27
CA SER B 30 -40.10 -10.30 -4.99
C SER B 30 -39.62 -9.42 -6.13
N ILE B 31 -38.63 -9.89 -6.88
CA ILE B 31 -38.15 -9.09 -7.99
C ILE B 31 -39.30 -8.99 -9.00
N LEU B 32 -39.95 -10.12 -9.29
CA LEU B 32 -41.05 -10.17 -10.25
C LEU B 32 -42.18 -9.25 -9.84
N TYR B 33 -42.53 -9.29 -8.56
CA TYR B 33 -43.60 -8.44 -8.09
C TYR B 33 -43.23 -6.98 -8.15
N GLN B 34 -42.04 -6.66 -7.67
CA GLN B 34 -41.64 -5.26 -7.62
C GLN B 34 -41.30 -4.54 -8.89
N ARG B 35 -40.99 -5.31 -9.94
CA ARG B 35 -40.66 -4.71 -11.20
C ARG B 35 -41.91 -4.71 -12.07
N GLY B 36 -43.01 -5.19 -11.50
CA GLY B 36 -44.26 -5.26 -12.23
C GLY B 36 -44.24 -6.19 -13.43
N ILE B 37 -43.42 -7.25 -13.37
CA ILE B 37 -43.33 -8.18 -14.48
C ILE B 37 -44.70 -8.80 -14.69
N TYR B 38 -45.38 -9.03 -13.58
CA TYR B 38 -46.74 -9.56 -13.56
C TYR B 38 -47.55 -8.67 -12.60
N PRO B 39 -48.87 -8.54 -12.83
CA PRO B 39 -49.82 -7.74 -12.03
C PRO B 39 -49.71 -7.90 -10.53
N SER B 40 -49.79 -6.79 -9.78
CA SER B 40 -49.74 -6.87 -8.32
C SER B 40 -50.78 -7.91 -7.91
N GLU B 41 -51.95 -7.81 -8.53
CA GLU B 41 -53.08 -8.70 -8.28
C GLU B 41 -52.79 -10.19 -8.43
N THR B 42 -51.64 -10.55 -8.97
CA THR B 42 -51.35 -11.97 -9.15
C THR B 42 -50.45 -12.54 -8.06
N PHE B 43 -50.08 -11.70 -7.10
CA PHE B 43 -49.24 -12.14 -6.01
C PHE B 43 -50.02 -12.14 -4.70
N THR B 44 -49.46 -12.77 -3.68
CA THR B 44 -50.08 -12.83 -2.38
C THR B 44 -49.03 -12.46 -1.34
N ARG B 45 -49.47 -11.82 -0.24
CA ARG B 45 -48.55 -11.43 0.80
C ARG B 45 -48.19 -12.58 1.75
N VAL B 46 -46.93 -12.66 2.14
CA VAL B 46 -46.45 -13.67 3.09
C VAL B 46 -45.33 -13.05 3.90
N GLN B 47 -45.19 -13.50 5.15
CA GLN B 47 -44.14 -12.97 6.03
C GLN B 47 -42.97 -13.92 6.01
N LYS B 48 -41.77 -13.34 5.97
CA LYS B 48 -40.53 -14.13 5.95
C LYS B 48 -39.40 -13.16 6.18
N TYR B 49 -38.37 -13.61 6.90
CA TYR B 49 -37.22 -12.77 7.19
C TYR B 49 -37.65 -11.47 7.85
N GLY B 50 -38.80 -11.51 8.52
CA GLY B 50 -39.29 -10.32 9.20
C GLY B 50 -39.77 -9.26 8.24
N LEU B 51 -40.15 -9.69 7.03
CA LEU B 51 -40.65 -8.77 6.01
C LEU B 51 -41.95 -9.30 5.46
N THR B 52 -42.75 -8.40 4.89
CA THR B 52 -43.98 -8.83 4.26
C THR B 52 -43.55 -8.98 2.79
N LEU B 53 -43.57 -10.21 2.30
CA LEU B 53 -43.15 -10.53 0.93
C LEU B 53 -44.28 -11.06 0.05
N LEU B 54 -44.20 -10.74 -1.24
CA LEU B 54 -45.19 -11.17 -2.20
C LEU B 54 -44.68 -12.32 -3.04
N VAL B 55 -45.49 -13.36 -3.17
CA VAL B 55 -45.10 -14.51 -3.94
C VAL B 55 -46.22 -14.86 -4.91
N THR B 56 -45.84 -15.25 -6.12
CA THR B 56 -46.83 -15.57 -7.14
C THR B 56 -47.82 -16.70 -6.81
N THR B 57 -49.04 -16.56 -7.34
CA THR B 57 -50.07 -17.57 -7.17
C THR B 57 -50.29 -18.28 -8.51
N ASP B 58 -49.66 -17.75 -9.56
CA ASP B 58 -49.74 -18.33 -10.92
C ASP B 58 -49.18 -19.75 -10.87
N LEU B 59 -50.03 -20.73 -11.13
CA LEU B 59 -49.63 -22.14 -11.09
C LEU B 59 -48.48 -22.55 -12.01
N GLU B 60 -48.40 -21.94 -13.19
CA GLU B 60 -47.33 -22.34 -14.11
C GLU B 60 -46.00 -21.81 -13.60
N LEU B 61 -46.02 -20.58 -13.11
CA LEU B 61 -44.84 -19.94 -12.57
C LEU B 61 -44.38 -20.73 -11.36
N ILE B 62 -45.32 -21.08 -10.48
CA ILE B 62 -44.97 -21.85 -9.30
C ILE B 62 -44.22 -23.10 -9.74
N LYS B 63 -44.72 -23.82 -10.73
CA LYS B 63 -44.08 -25.04 -11.19
C LYS B 63 -42.68 -24.76 -11.71
N TYR B 64 -42.50 -23.74 -12.56
CA TYR B 64 -41.18 -23.43 -13.11
C TYR B 64 -40.16 -23.07 -12.02
N LEU B 65 -40.52 -22.17 -11.12
CA LEU B 65 -39.63 -21.75 -10.04
C LEU B 65 -39.13 -22.93 -9.18
N ASN B 66 -40.05 -23.82 -8.84
CA ASN B 66 -39.68 -24.98 -8.03
C ASN B 66 -38.71 -25.88 -8.78
N ASN B 67 -38.93 -26.02 -10.07
CA ASN B 67 -38.01 -26.85 -10.84
C ASN B 67 -36.59 -26.28 -10.75
N VAL B 68 -36.47 -24.96 -10.95
CA VAL B 68 -35.15 -24.35 -10.89
C VAL B 68 -34.55 -24.38 -9.48
N VAL B 69 -35.33 -23.96 -8.49
CA VAL B 69 -34.85 -23.93 -7.09
C VAL B 69 -34.44 -25.33 -6.63
N GLU B 70 -35.27 -26.31 -6.95
CA GLU B 70 -34.93 -27.69 -6.56
C GLU B 70 -33.60 -28.07 -7.19
N GLN B 71 -33.42 -27.78 -8.49
CA GLN B 71 -32.13 -28.13 -9.12
C GLN B 71 -31.01 -27.31 -8.51
N LEU B 72 -31.30 -26.04 -8.22
CA LEU B 72 -30.28 -25.19 -7.60
C LEU B 72 -29.85 -25.75 -6.21
N LYS B 73 -30.80 -26.22 -5.41
CA LYS B 73 -30.42 -26.79 -4.11
C LYS B 73 -29.39 -27.92 -4.31
N ASP B 74 -29.69 -28.82 -5.25
CA ASP B 74 -28.81 -29.93 -5.58
C ASP B 74 -27.42 -29.41 -5.93
N TRP B 75 -27.33 -28.40 -6.80
CA TRP B 75 -26.01 -27.87 -7.15
C TRP B 75 -25.34 -27.08 -6.01
N LEU B 76 -26.15 -26.47 -5.15
CA LEU B 76 -25.58 -25.72 -4.04
C LEU B 76 -24.89 -26.74 -3.11
N TYR B 77 -25.54 -27.88 -2.88
CA TYR B 77 -24.96 -28.92 -2.04
C TYR B 77 -23.65 -29.41 -2.64
N LYS B 78 -23.60 -29.54 -3.96
CA LYS B 78 -22.39 -29.99 -4.62
C LYS B 78 -21.36 -28.89 -4.81
N CYS B 79 -21.74 -27.65 -4.49
CA CYS B 79 -20.83 -26.53 -4.64
C CYS B 79 -20.36 -26.34 -6.10
N SER B 80 -21.24 -26.64 -7.05
CA SER B 80 -20.87 -26.47 -8.45
C SER B 80 -21.62 -25.30 -9.16
N VAL B 81 -22.31 -24.47 -8.41
CA VAL B 81 -23.03 -23.34 -8.96
C VAL B 81 -22.24 -22.07 -8.62
N GLN B 82 -22.19 -21.12 -9.54
CA GLN B 82 -21.45 -19.88 -9.35
C GLN B 82 -22.31 -18.63 -9.41
N LYS B 83 -23.45 -18.68 -10.10
CA LYS B 83 -24.36 -17.53 -10.18
C LYS B 83 -25.75 -17.97 -10.53
N LEU B 84 -26.71 -17.12 -10.21
CA LEU B 84 -28.08 -17.30 -10.60
C LEU B 84 -28.40 -15.91 -11.17
N VAL B 85 -28.91 -15.83 -12.39
CA VAL B 85 -29.24 -14.53 -12.97
C VAL B 85 -30.68 -14.50 -13.39
N VAL B 86 -31.39 -13.45 -12.98
CA VAL B 86 -32.76 -13.27 -13.35
C VAL B 86 -32.70 -12.29 -14.56
N VAL B 87 -32.93 -12.82 -15.75
CA VAL B 87 -32.90 -12.01 -16.97
C VAL B 87 -34.32 -11.56 -17.34
N ILE B 88 -34.52 -10.27 -17.40
CA ILE B 88 -35.84 -9.71 -17.74
C ILE B 88 -35.76 -9.11 -19.17
N SER B 89 -36.69 -9.51 -20.04
CA SER B 89 -36.66 -9.04 -21.43
C SER B 89 -38.05 -8.72 -22.02
N ASN B 90 -38.02 -7.89 -23.06
CA ASN B 90 -39.20 -7.48 -23.82
C ASN B 90 -39.68 -8.76 -24.53
N ILE B 91 -40.90 -9.19 -24.27
CA ILE B 91 -41.38 -10.43 -24.90
C ILE B 91 -41.43 -10.38 -26.43
N GLU B 92 -42.00 -9.29 -26.95
CA GLU B 92 -42.14 -9.13 -28.39
C GLU B 92 -40.81 -9.13 -29.14
N SER B 93 -39.92 -8.21 -28.75
CA SER B 93 -38.64 -8.06 -29.41
C SER B 93 -37.47 -8.91 -28.94
N GLY B 94 -37.51 -9.41 -27.70
CA GLY B 94 -36.39 -10.21 -27.19
C GLY B 94 -35.31 -9.33 -26.55
N GLU B 95 -35.49 -8.01 -26.59
CA GLU B 95 -34.48 -7.11 -26.02
C GLU B 95 -34.31 -7.35 -24.50
N VAL B 96 -33.08 -7.50 -24.03
CA VAL B 96 -32.83 -7.73 -22.61
C VAL B 96 -32.79 -6.38 -21.93
N LEU B 97 -33.67 -6.16 -20.97
CA LEU B 97 -33.78 -4.87 -20.32
C LEU B 97 -33.16 -4.78 -18.89
N GLU B 98 -33.09 -5.91 -18.20
CA GLU B 98 -32.61 -5.85 -16.82
C GLU B 98 -32.03 -7.21 -16.46
N ARG B 99 -30.97 -7.19 -15.68
CA ARG B 99 -30.30 -8.44 -15.30
C ARG B 99 -30.03 -8.39 -13.79
N TRP B 100 -30.75 -9.17 -13.00
CA TRP B 100 -30.49 -9.20 -11.55
C TRP B 100 -29.52 -10.36 -11.24
N GLN B 101 -28.27 -10.03 -10.96
CA GLN B 101 -27.27 -11.08 -10.75
C GLN B 101 -26.90 -11.36 -9.28
N PHE B 102 -26.84 -12.65 -8.98
CA PHE B 102 -26.50 -13.16 -7.63
C PHE B 102 -25.29 -14.07 -7.74
N ASP B 103 -24.14 -13.57 -7.32
CA ASP B 103 -22.96 -14.42 -7.36
C ASP B 103 -23.04 -15.35 -6.17
N ILE B 104 -22.61 -16.59 -6.39
CA ILE B 104 -22.62 -17.59 -5.34
C ILE B 104 -21.24 -18.16 -5.12
N GLU B 105 -20.73 -18.01 -3.91
CA GLU B 105 -19.42 -18.52 -3.55
C GLU B 105 -19.66 -19.71 -2.60
N CYS B 106 -19.18 -20.89 -3.00
CA CYS B 106 -19.34 -22.15 -2.26
C CYS B 106 -18.04 -22.59 -1.58
N ASP B 107 -18.08 -22.94 -0.30
CA ASP B 107 -16.88 -23.41 0.39
C ASP B 107 -16.83 -24.90 0.13
N LYS B 108 -16.02 -25.30 -0.84
CA LYS B 108 -15.92 -26.70 -1.22
C LYS B 108 -15.41 -27.63 -0.11
N THR B 109 -14.74 -27.07 0.91
CA THR B 109 -14.21 -27.89 2.00
C THR B 109 -15.28 -28.21 3.06
N ALA B 110 -16.40 -27.52 2.99
CA ALA B 110 -17.49 -27.74 3.93
C ALA B 110 -17.97 -29.17 3.83
N LYS B 111 -17.68 -29.80 2.70
CA LYS B 111 -18.10 -31.17 2.46
C LYS B 111 -17.38 -32.09 3.44
N ASP B 112 -16.20 -31.68 3.88
CA ASP B 112 -15.43 -32.49 4.82
C ASP B 112 -15.49 -31.95 6.25
N ASP B 113 -16.65 -31.46 6.65
CA ASP B 113 -16.77 -30.94 8.00
C ASP B 113 -17.05 -32.00 9.05
N SER B 114 -16.36 -31.84 10.17
CA SER B 114 -16.48 -32.75 11.28
C SER B 114 -17.43 -32.13 12.31
N ALA B 115 -18.23 -31.16 11.85
CA ALA B 115 -19.20 -30.48 12.71
C ALA B 115 -19.84 -29.23 12.07
N PRO B 116 -21.12 -28.99 12.37
CA PRO B 116 -21.83 -27.83 11.86
C PRO B 116 -21.03 -26.57 12.15
N ARG B 117 -21.19 -25.54 11.33
CA ARG B 117 -20.45 -24.30 11.55
C ARG B 117 -21.24 -23.41 12.47
N GLU B 118 -20.54 -22.53 13.16
CA GLU B 118 -21.18 -21.64 14.11
C GLU B 118 -21.68 -20.33 13.55
N LYS B 119 -22.99 -20.24 13.37
CA LYS B 119 -23.63 -19.04 12.87
C LYS B 119 -25.11 -19.21 13.19
N SER B 120 -25.73 -18.25 13.85
CA SER B 120 -27.15 -18.39 14.20
C SER B 120 -28.09 -18.26 13.00
N GLN B 121 -29.19 -19.01 13.06
CA GLN B 121 -30.21 -18.97 12.03
C GLN B 121 -30.80 -17.57 11.92
N LYS B 122 -30.86 -16.87 13.05
CA LYS B 122 -31.41 -15.52 13.05
C LYS B 122 -30.40 -14.55 12.45
N ALA B 123 -29.12 -14.80 12.66
CA ALA B 123 -28.11 -13.89 12.11
C ALA B 123 -28.20 -13.91 10.56
N ILE B 124 -28.32 -15.11 9.99
CA ILE B 124 -28.42 -15.29 8.55
C ILE B 124 -29.74 -14.70 8.04
N GLN B 125 -30.82 -14.95 8.77
CA GLN B 125 -32.11 -14.40 8.35
C GLN B 125 -32.09 -12.87 8.35
N ASP B 126 -31.27 -12.30 9.22
CA ASP B 126 -31.16 -10.84 9.30
C ASP B 126 -30.37 -10.32 8.11
N GLU B 127 -29.32 -11.03 7.73
CA GLU B 127 -28.54 -10.63 6.58
C GLU B 127 -29.41 -10.74 5.32
N ILE B 128 -30.20 -11.82 5.25
CA ILE B 128 -31.08 -12.05 4.11
C ILE B 128 -32.12 -10.93 4.03
N ARG B 129 -32.68 -10.58 5.18
CA ARG B 129 -33.67 -9.51 5.23
C ARG B 129 -33.10 -8.26 4.59
N SER B 130 -31.86 -7.93 4.92
CA SER B 130 -31.22 -6.77 4.35
C SER B 130 -30.98 -6.85 2.85
N VAL B 131 -30.74 -8.06 2.34
CA VAL B 131 -30.51 -8.21 0.90
C VAL B 131 -31.81 -7.92 0.16
N ILE B 132 -32.90 -8.47 0.67
CA ILE B 132 -34.21 -8.26 0.04
C ILE B 132 -34.72 -6.82 0.18
N ALA B 133 -34.52 -6.18 1.35
CA ALA B 133 -35.02 -4.80 1.49
C ALA B 133 -34.21 -3.84 0.62
N GLN B 134 -32.93 -4.14 0.40
CA GLN B 134 -32.10 -3.29 -0.42
C GLN B 134 -32.65 -3.36 -1.85
N ILE B 135 -33.07 -4.55 -2.27
CA ILE B 135 -33.66 -4.73 -3.59
C ILE B 135 -34.87 -3.81 -3.68
N THR B 136 -35.77 -3.91 -2.70
CA THR B 136 -36.96 -3.04 -2.65
C THR B 136 -36.56 -1.55 -2.72
N ALA B 137 -35.53 -1.17 -1.96
CA ALA B 137 -35.11 0.23 -1.93
C ALA B 137 -34.45 0.67 -3.25
N THR B 138 -34.00 -0.32 -4.02
CA THR B 138 -33.37 -0.02 -5.29
C THR B 138 -34.38 0.24 -6.40
N VAL B 139 -35.49 -0.51 -6.39
CA VAL B 139 -36.51 -0.40 -7.43
C VAL B 139 -37.03 1.03 -7.68
N THR B 140 -37.12 1.79 -6.61
CA THR B 140 -37.55 3.18 -6.64
C THR B 140 -36.77 3.99 -7.69
N PHE B 141 -35.47 3.70 -7.84
CA PHE B 141 -34.67 4.47 -8.78
C PHE B 141 -34.45 3.84 -10.15
N LEU B 142 -35.06 2.70 -10.41
CA LEU B 142 -34.87 2.03 -11.69
C LEU B 142 -35.83 2.54 -12.77
N PRO B 143 -35.40 2.46 -14.04
CA PRO B 143 -36.26 2.90 -15.14
C PRO B 143 -37.52 2.08 -15.14
N LEU B 144 -38.65 2.69 -15.44
CA LEU B 144 -39.91 1.96 -15.47
C LEU B 144 -39.90 0.96 -16.62
N LEU B 145 -40.56 -0.17 -16.46
CA LEU B 145 -40.62 -1.10 -17.56
C LEU B 145 -41.91 -0.65 -18.23
N GLU B 146 -41.81 -0.19 -19.47
CA GLU B 146 -42.97 0.33 -20.21
C GLU B 146 -43.46 -0.60 -21.32
N VAL B 147 -42.96 -1.78 -21.29
CA VAL B 147 -43.39 -2.80 -22.24
C VAL B 147 -43.66 -4.14 -21.54
N SER B 148 -44.38 -5.00 -22.16
CA SER B 148 -44.66 -6.28 -21.55
C SER B 148 -43.37 -7.17 -21.56
N CYS B 149 -43.03 -7.73 -20.40
CA CYS B 149 -41.82 -8.52 -20.26
C CYS B 149 -42.02 -9.91 -19.67
N SER B 150 -41.01 -10.74 -19.81
CA SER B 150 -41.02 -12.05 -19.19
C SER B 150 -39.62 -12.19 -18.55
N PHE B 151 -39.34 -13.33 -17.92
CA PHE B 151 -38.01 -13.49 -17.33
C PHE B 151 -37.56 -14.90 -17.57
N ASP B 152 -36.25 -15.13 -17.38
CA ASP B 152 -35.68 -16.47 -17.51
C ASP B 152 -34.61 -16.53 -16.41
N LEU B 153 -34.34 -17.73 -15.91
CA LEU B 153 -33.31 -17.88 -14.89
C LEU B 153 -32.07 -18.55 -15.47
N LEU B 154 -30.94 -17.83 -15.47
CA LEU B 154 -29.69 -18.44 -15.98
C LEU B 154 -28.84 -18.82 -14.75
N ILE B 155 -28.22 -19.99 -14.80
CA ILE B 155 -27.38 -20.44 -13.71
C ILE B 155 -25.99 -20.65 -14.26
N TYR B 156 -25.01 -19.94 -13.70
CA TYR B 156 -23.65 -20.14 -14.15
C TYR B 156 -23.14 -21.34 -13.33
N THR B 157 -22.45 -22.28 -13.98
CA THR B 157 -21.90 -23.45 -13.30
C THR B 157 -20.47 -23.77 -13.79
N ASP B 158 -19.84 -24.73 -13.10
CA ASP B 158 -18.50 -25.21 -13.45
C ASP B 158 -18.69 -25.78 -14.84
N LYS B 159 -17.71 -25.53 -15.70
CA LYS B 159 -17.83 -25.98 -17.07
C LYS B 159 -18.05 -27.47 -17.27
N ASP B 160 -17.63 -28.26 -16.30
CA ASP B 160 -17.70 -29.71 -16.42
C ASP B 160 -18.93 -30.39 -15.86
N LEU B 161 -19.85 -29.58 -15.36
CA LEU B 161 -21.08 -30.06 -14.79
C LEU B 161 -21.90 -30.79 -15.84
N VAL B 162 -22.37 -31.99 -15.50
CA VAL B 162 -23.17 -32.77 -16.42
C VAL B 162 -24.49 -32.04 -16.43
N VAL B 163 -25.05 -31.80 -17.62
CA VAL B 163 -26.31 -31.08 -17.75
C VAL B 163 -27.51 -32.02 -17.68
N PRO B 164 -28.44 -31.72 -16.67
CA PRO B 164 -29.73 -32.43 -16.53
C PRO B 164 -30.68 -32.50 -17.70
N GLU B 165 -31.50 -33.52 -17.68
CA GLU B 165 -32.57 -33.47 -18.66
C GLU B 165 -33.33 -32.17 -18.33
N LYS B 166 -33.95 -31.54 -19.35
CA LYS B 166 -34.79 -30.31 -19.23
C LYS B 166 -34.01 -29.00 -19.10
N TRP B 167 -32.65 -29.08 -19.23
CA TRP B 167 -31.66 -27.99 -19.18
C TRP B 167 -30.77 -28.04 -20.42
N GLU B 168 -30.19 -26.88 -20.81
CA GLU B 168 -29.32 -26.76 -21.97
C GLU B 168 -28.42 -25.54 -21.75
N GLU B 169 -27.33 -25.43 -22.50
CA GLU B 169 -26.47 -24.26 -22.39
C GLU B 169 -27.24 -23.07 -22.95
N SER B 170 -26.94 -21.91 -22.42
CA SER B 170 -27.57 -20.65 -22.81
C SER B 170 -26.42 -19.66 -22.99
N GLY B 171 -26.67 -18.56 -23.69
CA GLY B 171 -25.63 -17.55 -23.75
C GLY B 171 -25.84 -16.74 -22.47
N PRO B 172 -24.91 -15.83 -22.11
CA PRO B 172 -25.02 -15.00 -20.90
C PRO B 172 -26.06 -13.90 -20.90
N GLN B 173 -26.60 -13.58 -22.08
CA GLN B 173 -27.58 -12.51 -22.18
C GLN B 173 -27.06 -11.19 -21.61
N PHE B 174 -25.87 -10.77 -22.05
CA PHE B 174 -25.32 -9.52 -21.53
C PHE B 174 -26.12 -8.29 -21.96
N ILE B 175 -26.09 -7.26 -21.13
CA ILE B 175 -26.66 -5.98 -21.51
C ILE B 175 -25.33 -5.20 -21.49
N THR B 176 -24.77 -4.88 -22.65
CA THR B 176 -23.50 -4.16 -22.62
C THR B 176 -23.78 -2.67 -22.43
N ASN B 177 -24.91 -2.19 -22.99
CA ASN B 177 -25.31 -0.78 -22.84
C ASN B 177 -26.09 -0.68 -21.53
N SER B 178 -25.40 -0.87 -20.41
CA SER B 178 -26.00 -0.87 -19.09
C SER B 178 -25.40 0.08 -18.07
N GLU B 179 -26.15 0.25 -16.99
CA GLU B 179 -25.71 0.97 -15.79
C GLU B 179 -25.69 -0.26 -14.86
N GLU B 180 -24.91 -0.22 -13.79
CA GLU B 180 -24.89 -1.36 -12.85
C GLU B 180 -24.83 -0.83 -11.43
N VAL B 181 -25.33 -1.61 -10.48
CA VAL B 181 -25.31 -1.23 -9.06
C VAL B 181 -25.04 -2.49 -8.27
N ARG B 182 -23.97 -2.47 -7.47
CA ARG B 182 -23.63 -3.60 -6.61
C ARG B 182 -24.48 -3.36 -5.37
N LEU B 183 -25.22 -4.39 -4.96
CA LEU B 183 -26.08 -4.29 -3.81
C LEU B 183 -25.48 -5.11 -2.63
N ARG B 184 -26.36 -5.66 -1.81
CA ARG B 184 -26.04 -6.41 -0.57
C ARG B 184 -25.71 -7.89 -0.73
N SER B 185 -25.04 -8.46 0.29
CA SER B 185 -24.73 -9.88 0.32
C SER B 185 -25.06 -10.53 1.69
N PHE B 186 -25.08 -11.87 1.71
CA PHE B 186 -25.29 -12.59 2.96
C PHE B 186 -24.49 -13.87 2.87
N THR B 187 -24.18 -14.44 4.04
CA THR B 187 -23.40 -15.67 4.08
C THR B 187 -23.83 -16.57 5.22
N THR B 188 -23.74 -17.87 4.98
CA THR B 188 -24.10 -18.88 5.96
C THR B 188 -22.83 -19.49 6.50
N THR B 189 -21.70 -18.92 6.11
CA THR B 189 -20.32 -19.40 6.43
C THR B 189 -19.96 -20.56 5.51
N ILE B 190 -20.93 -21.01 4.71
CA ILE B 190 -20.63 -22.12 3.75
C ILE B 190 -20.91 -21.64 2.32
N HIS B 191 -21.98 -20.87 2.17
CA HIS B 191 -22.40 -20.24 0.89
C HIS B 191 -22.51 -18.76 1.13
N LYS B 192 -21.91 -17.96 0.26
CA LYS B 192 -22.02 -16.50 0.33
C LYS B 192 -22.70 -16.06 -1.00
N VAL B 193 -23.72 -15.22 -0.88
CA VAL B 193 -24.46 -14.73 -2.04
C VAL B 193 -24.31 -13.21 -2.08
N ASN B 194 -23.85 -12.68 -3.22
CA ASN B 194 -23.73 -11.23 -3.40
C ASN B 194 -24.78 -10.84 -4.47
N SER B 195 -25.46 -9.73 -4.28
CA SER B 195 -26.46 -9.35 -5.27
C SER B 195 -26.04 -8.08 -5.99
N MET B 196 -26.57 -7.91 -7.20
CA MET B 196 -26.26 -6.72 -8.00
C MET B 196 -27.27 -6.63 -9.16
N VAL B 197 -27.30 -5.51 -9.85
CA VAL B 197 -28.25 -5.43 -10.95
C VAL B 197 -27.69 -4.57 -12.06
N ALA B 198 -27.87 -5.02 -13.31
CA ALA B 198 -27.42 -4.22 -14.47
C ALA B 198 -28.73 -3.94 -15.22
N TYR B 199 -28.87 -2.74 -15.75
CA TYR B 199 -30.10 -2.41 -16.49
C TYR B 199 -29.78 -1.50 -17.65
N LYS B 200 -30.61 -1.57 -18.68
CA LYS B 200 -30.39 -0.77 -19.89
C LYS B 200 -30.28 0.73 -19.60
N ILE B 201 -29.27 1.38 -20.16
CA ILE B 201 -29.05 2.83 -19.99
C ILE B 201 -30.23 3.57 -20.64
N PRO B 202 -30.96 4.39 -19.86
CA PRO B 202 -32.12 5.14 -20.41
C PRO B 202 -31.75 5.99 -21.62
N VAL B 203 -32.65 5.99 -22.61
CA VAL B 203 -32.47 6.76 -23.84
C VAL B 203 -33.44 8.00 -23.95
N ASN B 204 -32.97 9.10 -24.54
CA ASN B 204 -33.76 10.33 -24.80
C ASN B 204 -34.12 11.14 -23.55
N GLY C 10 -3.69 12.50 -53.93
CA GLY C 10 -3.81 12.46 -52.43
C GLY C 10 -5.24 12.73 -51.97
N ILE C 11 -5.49 12.55 -50.67
CA ILE C 11 -6.82 12.78 -50.15
C ILE C 11 -6.80 13.81 -49.06
N THR C 12 -7.89 14.55 -48.96
CA THR C 12 -8.04 15.56 -47.92
C THR C 12 -9.15 15.08 -46.98
N LEU C 13 -9.33 15.80 -45.87
CA LEU C 13 -10.36 15.46 -44.91
C LEU C 13 -11.72 15.56 -45.59
N ARG C 14 -11.95 16.64 -46.32
CA ARG C 14 -13.23 16.80 -46.99
C ARG C 14 -13.42 15.74 -48.07
N GLY C 15 -12.35 15.45 -48.83
CA GLY C 15 -12.45 14.45 -49.88
C GLY C 15 -12.75 13.06 -49.31
N SER C 16 -12.11 12.75 -48.17
CA SER C 16 -12.27 11.47 -47.53
C SER C 16 -13.71 11.32 -47.05
N ALA C 17 -14.25 12.37 -46.42
CA ALA C 17 -15.60 12.32 -45.92
C ALA C 17 -16.59 12.04 -47.06
N GLU C 18 -16.35 12.64 -48.22
CA GLU C 18 -17.22 12.45 -49.39
C GLU C 18 -17.15 11.02 -49.94
N ILE C 19 -15.94 10.52 -49.99
CA ILE C 19 -15.68 9.17 -50.50
C ILE C 19 -16.37 8.15 -49.60
N VAL C 20 -16.28 8.34 -48.29
CA VAL C 20 -16.89 7.43 -47.35
C VAL C 20 -18.40 7.50 -47.36
N ALA C 21 -18.94 8.72 -47.37
CA ALA C 21 -20.41 8.90 -47.43
C ALA C 21 -20.97 8.24 -48.68
N GLU C 22 -20.24 8.35 -49.79
CA GLU C 22 -20.66 7.77 -51.06
C GLU C 22 -20.67 6.21 -50.94
N PHE C 23 -19.63 5.66 -50.32
CA PHE C 23 -19.60 4.22 -50.10
C PHE C 23 -20.89 3.82 -49.36
N PHE C 24 -21.27 4.56 -48.30
CA PHE C 24 -22.48 4.20 -47.58
C PHE C 24 -23.76 4.31 -48.40
N SER C 25 -23.86 5.40 -49.16
CA SER C 25 -25.06 5.53 -49.99
C SER C 25 -25.24 4.30 -50.92
N PHE C 26 -24.22 3.88 -51.62
CA PHE C 26 -24.40 2.71 -52.49
C PHE C 26 -24.51 1.38 -51.71
N GLY C 27 -23.67 1.23 -50.68
CA GLY C 27 -23.72 0.03 -49.87
C GLY C 27 -25.07 -0.19 -49.25
N ILE C 28 -25.70 0.87 -48.69
CA ILE C 28 -27.01 0.70 -48.08
C ILE C 28 -28.06 0.30 -49.14
N ASN C 29 -27.99 0.96 -50.31
CA ASN C 29 -28.92 0.59 -51.38
C ASN C 29 -28.74 -0.91 -51.73
N SER C 30 -27.51 -1.35 -51.81
CA SER C 30 -27.26 -2.78 -52.18
C SER C 30 -27.85 -3.75 -51.14
N ILE C 31 -27.64 -3.44 -49.87
CA ILE C 31 -28.18 -4.25 -48.79
C ILE C 31 -29.72 -4.33 -48.83
N LEU C 32 -30.34 -3.19 -49.06
CA LEU C 32 -31.85 -3.14 -49.14
C LEU C 32 -32.41 -3.93 -50.29
N TYR C 33 -31.71 -3.92 -51.40
CA TYR C 33 -32.15 -4.65 -52.56
C TYR C 33 -31.97 -6.16 -52.33
N GLN C 34 -30.76 -6.50 -51.93
CA GLN C 34 -30.42 -7.90 -51.73
C GLN C 34 -31.21 -8.56 -50.65
N ARG C 35 -31.52 -7.83 -49.56
CA ARG C 35 -32.27 -8.46 -48.48
C ARG C 35 -33.77 -8.35 -48.65
N GLY C 36 -34.22 -7.88 -49.81
CA GLY C 36 -35.67 -7.77 -50.05
C GLY C 36 -36.41 -6.83 -49.11
N ILE C 37 -35.77 -5.77 -48.63
CA ILE C 37 -36.46 -4.84 -47.74
C ILE C 37 -37.50 -3.97 -48.53
N TYR C 38 -37.28 -3.81 -49.83
CA TYR C 38 -38.21 -3.10 -50.74
C TYR C 38 -38.27 -4.02 -51.99
N PRO C 39 -39.40 -4.04 -52.72
CA PRO C 39 -39.49 -4.89 -53.93
C PRO C 39 -38.37 -4.66 -54.93
N SER C 40 -37.89 -5.73 -55.59
CA SER C 40 -36.82 -5.57 -56.57
C SER C 40 -37.17 -4.65 -57.75
N GLU C 41 -38.42 -4.65 -58.20
CA GLU C 41 -38.80 -3.78 -59.33
C GLU C 41 -38.72 -2.26 -58.95
N THR C 42 -38.51 -1.93 -57.68
CA THR C 42 -38.38 -0.52 -57.29
C THR C 42 -36.92 -0.04 -57.34
N PHE C 43 -35.99 -0.86 -57.84
CA PHE C 43 -34.59 -0.46 -57.93
C PHE C 43 -34.22 -0.43 -59.41
N THR C 44 -33.18 0.29 -59.75
CA THR C 44 -32.70 0.33 -61.10
C THR C 44 -31.23 0.09 -61.02
N ARG C 45 -30.68 -0.37 -62.13
CA ARG C 45 -29.25 -0.68 -62.21
C ARG C 45 -28.40 0.49 -62.60
N VAL C 46 -27.22 0.59 -61.98
CA VAL C 46 -26.28 1.67 -62.32
C VAL C 46 -24.86 1.04 -62.32
N GLN C 47 -23.97 1.69 -63.05
CA GLN C 47 -22.58 1.29 -63.13
C GLN C 47 -21.86 2.11 -62.11
N LYS C 48 -21.32 1.44 -61.10
CA LYS C 48 -20.59 2.15 -60.07
C LYS C 48 -19.56 1.18 -59.47
N TYR C 49 -18.39 1.70 -59.13
CA TYR C 49 -17.38 0.87 -58.51
C TYR C 49 -16.99 -0.33 -59.40
N GLY C 50 -16.96 -0.10 -60.72
CA GLY C 50 -16.60 -1.16 -61.65
C GLY C 50 -17.61 -2.27 -61.71
N LEU C 51 -18.71 -2.15 -60.97
CA LEU C 51 -19.73 -3.19 -60.98
C LEU C 51 -21.08 -2.65 -61.43
N THR C 52 -22.09 -3.50 -61.42
CA THR C 52 -23.44 -3.07 -61.74
C THR C 52 -24.19 -3.18 -60.42
N LEU C 53 -24.59 -2.04 -59.86
CA LEU C 53 -25.27 -1.99 -58.57
C LEU C 53 -26.74 -1.55 -58.67
N LEU C 54 -27.55 -1.91 -57.68
CA LEU C 54 -28.97 -1.54 -57.67
C LEU C 54 -29.20 -0.37 -56.68
N VAL C 55 -29.99 0.62 -57.10
CA VAL C 55 -30.33 1.73 -56.22
C VAL C 55 -31.83 1.99 -56.30
N THR C 56 -32.41 2.47 -55.20
CA THR C 56 -33.85 2.67 -55.18
C THR C 56 -34.34 3.85 -56.07
N THR C 57 -35.64 3.77 -56.38
CA THR C 57 -36.34 4.82 -57.14
C THR C 57 -37.47 5.35 -56.26
N ASP C 58 -37.52 4.88 -55.02
CA ASP C 58 -38.63 5.25 -54.12
C ASP C 58 -38.37 6.59 -53.49
N LEU C 59 -39.29 7.53 -53.72
CA LEU C 59 -39.09 8.91 -53.26
C LEU C 59 -38.78 9.06 -51.77
N GLU C 60 -39.64 8.51 -50.93
CA GLU C 60 -39.47 8.63 -49.48
C GLU C 60 -38.16 8.01 -49.00
N LEU C 61 -37.83 6.85 -49.55
CA LEU C 61 -36.56 6.19 -49.18
C LEU C 61 -35.37 7.05 -49.61
N ILE C 62 -35.39 7.55 -50.85
CA ILE C 62 -34.30 8.40 -51.36
C ILE C 62 -34.14 9.61 -50.46
N LYS C 63 -35.23 10.23 -50.04
CA LYS C 63 -35.10 11.46 -49.23
C LYS C 63 -34.47 11.10 -47.84
N TYR C 64 -34.96 10.01 -47.27
CA TYR C 64 -34.44 9.56 -45.96
C TYR C 64 -32.97 9.20 -46.10
N LEU C 65 -32.61 8.37 -47.08
CA LEU C 65 -31.20 8.01 -47.23
C LEU C 65 -30.34 9.25 -47.43
N ASN C 66 -30.83 10.17 -48.26
CA ASN C 66 -30.05 11.41 -48.51
C ASN C 66 -29.86 12.17 -47.22
N ASN C 67 -30.91 12.33 -46.40
CA ASN C 67 -30.79 13.01 -45.11
C ASN C 67 -29.73 12.35 -44.21
N VAL C 68 -29.77 11.03 -44.12
CA VAL C 68 -28.78 10.37 -43.28
C VAL C 68 -27.37 10.51 -43.82
N VAL C 69 -27.19 10.28 -45.12
CA VAL C 69 -25.87 10.31 -45.74
C VAL C 69 -25.23 11.70 -45.68
N GLU C 70 -26.05 12.75 -45.84
CA GLU C 70 -25.50 14.11 -45.76
C GLU C 70 -25.07 14.43 -44.35
N GLN C 71 -25.89 14.03 -43.37
CA GLN C 71 -25.51 14.27 -41.98
C GLN C 71 -24.25 13.43 -41.68
N LEU C 72 -24.22 12.18 -42.14
CA LEU C 72 -23.06 11.31 -41.90
C LEU C 72 -21.83 12.04 -42.42
N LYS C 73 -21.94 12.60 -43.64
CA LYS C 73 -20.80 13.27 -44.26
C LYS C 73 -20.25 14.44 -43.41
N ASP C 74 -21.17 15.19 -42.81
CA ASP C 74 -20.81 16.33 -41.96
C ASP C 74 -20.11 15.78 -40.70
N TRP C 75 -20.63 14.69 -40.13
CA TRP C 75 -20.00 14.11 -38.94
C TRP C 75 -18.67 13.45 -39.27
N LEU C 76 -18.54 12.90 -40.48
CA LEU C 76 -17.28 12.34 -40.90
C LEU C 76 -16.21 13.46 -41.01
N TYR C 77 -16.62 14.61 -41.58
CA TYR C 77 -15.67 15.74 -41.74
C TYR C 77 -15.22 16.17 -40.33
N LYS C 78 -16.16 16.22 -39.40
CA LYS C 78 -15.90 16.61 -38.02
C LYS C 78 -15.17 15.53 -37.20
N CYS C 79 -15.02 14.34 -37.78
CA CYS C 79 -14.38 13.20 -37.14
C CYS C 79 -15.05 12.73 -35.84
N SER C 80 -16.38 12.83 -35.75
CA SER C 80 -17.07 12.40 -34.54
C SER C 80 -17.95 11.17 -34.66
N VAL C 81 -17.88 10.46 -35.79
CA VAL C 81 -18.68 9.24 -35.97
C VAL C 81 -17.83 8.00 -35.63
N GLN C 82 -18.41 7.10 -34.87
CA GLN C 82 -17.74 5.86 -34.46
C GLN C 82 -18.27 4.61 -35.22
N LYS C 83 -19.55 4.62 -35.58
CA LYS C 83 -20.14 3.51 -36.35
C LYS C 83 -21.40 3.94 -37.09
N LEU C 84 -21.74 3.15 -38.11
CA LEU C 84 -23.00 3.31 -38.82
C LEU C 84 -23.55 1.87 -38.75
N VAL C 85 -24.79 1.73 -38.33
CA VAL C 85 -25.38 0.39 -38.22
C VAL C 85 -26.69 0.37 -39.00
N VAL C 86 -26.84 -0.62 -39.87
CA VAL C 86 -28.10 -0.79 -40.59
C VAL C 86 -28.85 -1.87 -39.81
N VAL C 87 -29.94 -1.47 -39.18
CA VAL C 87 -30.75 -2.34 -38.38
C VAL C 87 -31.97 -2.78 -39.14
N ILE C 88 -32.07 -4.08 -39.39
CA ILE C 88 -33.20 -4.65 -40.10
C ILE C 88 -34.05 -5.39 -39.05
N SER C 89 -35.32 -4.99 -38.94
CA SER C 89 -36.19 -5.60 -37.97
C SER C 89 -37.55 -5.99 -38.47
N ASN C 90 -38.16 -6.91 -37.71
CA ASN C 90 -39.49 -7.43 -37.96
C ASN C 90 -40.40 -6.21 -37.59
N ILE C 91 -41.20 -5.74 -38.55
CA ILE C 91 -42.07 -4.57 -38.36
C ILE C 91 -43.07 -4.73 -37.23
N GLU C 92 -43.71 -5.87 -37.19
CA GLU C 92 -44.70 -6.16 -36.15
C GLU C 92 -44.14 -6.28 -34.71
N SER C 93 -43.10 -7.08 -34.53
CA SER C 93 -42.54 -7.35 -33.20
C SER C 93 -41.41 -6.45 -32.73
N GLY C 94 -40.74 -5.79 -33.68
CA GLY C 94 -39.60 -4.95 -33.32
C GLY C 94 -38.33 -5.80 -33.13
N GLU C 95 -38.41 -7.12 -33.36
CA GLU C 95 -37.23 -7.96 -33.19
C GLU C 95 -36.18 -7.69 -34.28
N VAL C 96 -34.93 -7.49 -33.87
CA VAL C 96 -33.86 -7.24 -34.80
C VAL C 96 -33.49 -8.59 -35.42
N LEU C 97 -33.52 -8.67 -36.76
CA LEU C 97 -33.25 -9.90 -37.51
C LEU C 97 -31.92 -9.88 -38.25
N GLU C 98 -31.39 -8.68 -38.44
CA GLU C 98 -30.12 -8.58 -39.13
C GLU C 98 -29.53 -7.24 -38.80
N ARG C 99 -28.21 -7.19 -38.70
CA ARG C 99 -27.63 -5.94 -38.28
C ARG C 99 -26.28 -5.80 -38.94
N TRP C 100 -26.19 -4.84 -39.87
CA TRP C 100 -24.94 -4.63 -40.57
C TRP C 100 -24.26 -3.56 -39.75
N GLN C 101 -23.04 -3.84 -39.26
CA GLN C 101 -22.29 -2.88 -38.44
C GLN C 101 -21.00 -2.43 -39.12
N PHE C 102 -20.87 -1.11 -39.31
CA PHE C 102 -19.70 -0.56 -39.96
C PHE C 102 -18.93 0.24 -38.92
N ASP C 103 -17.81 -0.30 -38.43
CA ASP C 103 -17.06 0.48 -37.45
C ASP C 103 -16.25 1.54 -38.20
N ILE C 104 -16.35 2.78 -37.73
CA ILE C 104 -15.67 3.89 -38.41
C ILE C 104 -14.62 4.60 -37.51
N GLU C 105 -13.38 4.59 -37.95
CA GLU C 105 -12.30 5.28 -37.19
C GLU C 105 -11.89 6.56 -37.93
N CYS C 106 -12.08 7.71 -37.27
CA CYS C 106 -11.72 9.00 -37.86
C CYS C 106 -10.41 9.54 -37.25
N ASP C 107 -9.43 9.87 -38.09
CA ASP C 107 -8.18 10.42 -37.58
C ASP C 107 -8.41 11.91 -37.25
N LYS C 108 -8.65 12.21 -35.97
CA LYS C 108 -8.89 13.59 -35.58
C LYS C 108 -7.73 14.57 -35.90
N THR C 109 -6.53 14.05 -36.12
CA THR C 109 -5.40 14.93 -36.44
C THR C 109 -5.52 15.55 -37.84
N ALA C 110 -6.25 14.88 -38.74
CA ALA C 110 -6.42 15.38 -40.11
C ALA C 110 -6.96 16.81 -40.18
N LYS C 111 -7.58 17.28 -39.11
CA LYS C 111 -8.07 18.65 -39.10
C LYS C 111 -6.85 19.59 -39.20
N ASP C 112 -5.75 19.17 -38.59
CA ASP C 112 -4.51 19.97 -38.58
C ASP C 112 -3.55 19.67 -39.73
N ASP C 113 -4.05 19.10 -40.82
CA ASP C 113 -3.20 18.80 -41.97
C ASP C 113 -2.94 20.06 -42.79
N SER C 114 -1.74 20.14 -43.35
CA SER C 114 -1.40 21.29 -44.19
C SER C 114 -1.27 20.79 -45.63
N ALA C 115 -1.08 19.48 -45.77
CA ALA C 115 -0.94 18.87 -47.09
C ALA C 115 -1.74 17.57 -47.21
N PRO C 116 -2.45 17.39 -48.34
CA PRO C 116 -3.26 16.21 -48.66
C PRO C 116 -2.42 14.98 -48.36
N ARG C 117 -3.00 13.94 -47.76
CA ARG C 117 -2.23 12.75 -47.46
C ARG C 117 -1.84 12.02 -48.74
N GLU C 118 -0.75 11.28 -48.67
CA GLU C 118 -0.17 10.56 -49.79
C GLU C 118 -0.93 9.46 -50.52
N LYS C 119 -1.88 8.79 -49.87
CA LYS C 119 -2.60 7.71 -50.54
C LYS C 119 -3.43 8.16 -51.73
N SER C 120 -3.24 7.48 -52.86
CA SER C 120 -3.96 7.82 -54.08
C SER C 120 -5.42 7.45 -54.00
N GLN C 121 -6.23 8.22 -54.70
CA GLN C 121 -7.66 7.96 -54.71
C GLN C 121 -7.98 6.70 -55.48
N LYS C 122 -7.07 6.25 -56.33
CA LYS C 122 -7.32 5.02 -57.05
C LYS C 122 -7.12 3.80 -56.14
N ALA C 123 -6.12 3.86 -55.27
CA ALA C 123 -5.86 2.75 -54.36
C ALA C 123 -7.05 2.64 -53.37
N ILE C 124 -7.58 3.79 -52.99
CA ILE C 124 -8.72 3.86 -52.08
C ILE C 124 -9.94 3.26 -52.80
N GLN C 125 -10.18 3.66 -54.05
CA GLN C 125 -11.33 3.14 -54.78
C GLN C 125 -11.22 1.62 -55.01
N ASP C 126 -9.99 1.11 -55.15
CA ASP C 126 -9.82 -0.32 -55.34
C ASP C 126 -10.16 -1.05 -54.05
N GLU C 127 -9.90 -0.42 -52.92
CA GLU C 127 -10.25 -1.07 -51.66
C GLU C 127 -11.77 -1.06 -51.51
N ILE C 128 -12.40 0.06 -51.83
CA ILE C 128 -13.84 0.17 -51.70
C ILE C 128 -14.54 -0.82 -52.64
N ARG C 129 -14.06 -0.94 -53.88
CA ARG C 129 -14.64 -1.91 -54.82
C ARG C 129 -14.64 -3.34 -54.21
N SER C 130 -13.54 -3.74 -53.57
CA SER C 130 -13.46 -5.07 -52.96
C SER C 130 -14.54 -5.25 -51.93
N VAL C 131 -14.72 -4.26 -51.06
CA VAL C 131 -15.75 -4.35 -50.01
C VAL C 131 -17.17 -4.42 -50.62
N ILE C 132 -17.49 -3.50 -51.53
CA ILE C 132 -18.79 -3.55 -52.19
C ILE C 132 -19.00 -4.93 -52.85
N ALA C 133 -17.99 -5.45 -53.54
CA ALA C 133 -18.16 -6.78 -54.16
C ALA C 133 -18.43 -7.85 -53.08
N GLN C 134 -17.77 -7.74 -51.93
CA GLN C 134 -18.06 -8.71 -50.83
C GLN C 134 -19.48 -8.54 -50.34
N ILE C 135 -19.93 -7.29 -50.23
CA ILE C 135 -21.33 -7.10 -49.82
C ILE C 135 -22.27 -7.82 -50.81
N THR C 136 -22.04 -7.65 -52.12
CA THR C 136 -22.92 -8.29 -53.09
C THR C 136 -22.81 -9.81 -53.09
N ALA C 137 -21.62 -10.33 -52.78
CA ALA C 137 -21.37 -11.79 -52.68
C ALA C 137 -22.12 -12.45 -51.51
N THR C 138 -22.51 -11.69 -50.51
CA THR C 138 -23.24 -12.33 -49.42
C THR C 138 -24.60 -12.87 -49.86
N VAL C 139 -25.07 -12.56 -51.08
CA VAL C 139 -26.39 -13.05 -51.48
C VAL C 139 -26.45 -14.58 -51.61
N THR C 140 -25.32 -15.23 -51.90
CA THR C 140 -25.34 -16.70 -52.05
C THR C 140 -25.70 -17.47 -50.78
N PHE C 141 -25.48 -16.87 -49.59
CA PHE C 141 -25.77 -17.58 -48.35
C PHE C 141 -26.67 -16.92 -47.31
N LEU C 142 -26.84 -15.59 -47.30
CA LEU C 142 -27.67 -15.02 -46.23
C LEU C 142 -29.07 -15.55 -46.39
N PRO C 143 -29.72 -15.88 -45.29
CA PRO C 143 -31.08 -16.44 -45.36
C PRO C 143 -32.12 -15.44 -45.84
N LEU C 144 -33.15 -15.97 -46.46
CA LEU C 144 -34.24 -15.15 -46.96
C LEU C 144 -35.02 -14.70 -45.73
N LEU C 145 -35.38 -13.43 -45.64
CA LEU C 145 -36.11 -12.98 -44.50
C LEU C 145 -37.53 -13.54 -44.70
N GLU C 146 -38.12 -14.09 -43.65
CA GLU C 146 -39.43 -14.71 -43.86
C GLU C 146 -40.62 -13.93 -43.33
N VAL C 147 -40.36 -12.76 -42.79
CA VAL C 147 -41.42 -11.90 -42.28
C VAL C 147 -41.16 -10.50 -42.86
N SER C 148 -42.16 -9.63 -42.88
CA SER C 148 -41.98 -8.26 -43.41
C SER C 148 -41.12 -7.47 -42.44
N CYS C 149 -40.09 -6.87 -43.00
CA CYS C 149 -39.10 -6.12 -42.24
C CYS C 149 -38.93 -4.69 -42.75
N SER C 150 -38.33 -3.88 -41.91
CA SER C 150 -38.01 -2.53 -42.36
C SER C 150 -36.61 -2.30 -41.83
N PHE C 151 -36.06 -1.11 -42.04
CA PHE C 151 -34.71 -0.86 -41.57
C PHE C 151 -34.62 0.54 -40.94
N ASP C 152 -33.56 0.77 -40.18
CA ASP C 152 -33.33 2.09 -39.58
C ASP C 152 -31.83 2.15 -39.60
N LEU C 153 -31.29 3.36 -39.74
CA LEU C 153 -29.85 3.58 -39.75
C LEU C 153 -29.47 4.22 -38.44
N LEU C 154 -28.57 3.58 -37.69
CA LEU C 154 -28.10 4.15 -36.42
C LEU C 154 -26.68 4.63 -36.59
N ILE C 155 -26.36 5.76 -35.99
CA ILE C 155 -25.04 6.28 -36.09
C ILE C 155 -24.51 6.48 -34.66
N TYR C 156 -23.43 5.76 -34.35
CA TYR C 156 -22.75 5.88 -33.07
C TYR C 156 -21.84 7.08 -33.25
N THR C 157 -21.85 7.99 -32.29
CA THR C 157 -21.01 9.20 -32.35
C THR C 157 -20.36 9.52 -30.98
N ASP C 158 -19.35 10.38 -30.99
CA ASP C 158 -18.73 10.83 -29.75
C ASP C 158 -19.86 11.37 -28.89
N LYS C 159 -19.67 11.31 -27.58
CA LYS C 159 -20.72 11.75 -26.66
C LYS C 159 -21.12 13.23 -26.66
N ASP C 160 -20.19 14.10 -26.99
CA ASP C 160 -20.49 15.53 -26.95
C ASP C 160 -20.98 16.13 -28.27
N LEU C 161 -21.52 15.30 -29.14
CA LEU C 161 -21.99 15.83 -30.40
C LEU C 161 -23.36 16.49 -30.20
N VAL C 162 -23.54 17.65 -30.82
CA VAL C 162 -24.83 18.32 -30.72
C VAL C 162 -25.76 17.52 -31.66
N VAL C 163 -26.90 17.13 -31.12
CA VAL C 163 -27.89 16.34 -31.84
C VAL C 163 -28.76 17.25 -32.71
N PRO C 164 -28.71 17.09 -34.04
CA PRO C 164 -29.52 17.95 -34.92
C PRO C 164 -31.04 17.78 -34.68
N GLU C 165 -31.82 18.77 -35.14
CA GLU C 165 -33.29 18.81 -34.96
C GLU C 165 -34.20 17.57 -35.10
N LYS C 166 -34.07 16.88 -36.21
CA LYS C 166 -34.90 15.71 -36.51
C LYS C 166 -34.23 14.36 -36.10
N TRP C 167 -33.20 14.46 -35.27
CA TRP C 167 -32.45 13.29 -34.81
C TRP C 167 -32.69 13.17 -33.31
N GLU C 168 -32.49 11.99 -32.75
CA GLU C 168 -32.68 11.75 -31.34
C GLU C 168 -31.81 10.55 -30.93
N GLU C 169 -31.64 10.37 -29.63
CA GLU C 169 -30.87 9.25 -29.14
C GLU C 169 -31.66 7.97 -29.34
N SER C 170 -30.93 6.87 -29.52
CA SER C 170 -31.51 5.55 -29.74
C SER C 170 -30.80 4.48 -28.91
N GLY C 171 -31.47 3.35 -28.70
CA GLY C 171 -30.84 2.21 -28.07
C GLY C 171 -29.93 1.63 -29.16
N PRO C 172 -29.05 0.66 -28.83
CA PRO C 172 -28.18 0.10 -29.87
C PRO C 172 -28.81 -1.01 -30.76
N GLN C 173 -30.05 -1.41 -30.45
CA GLN C 173 -30.74 -2.44 -31.24
C GLN C 173 -29.89 -3.70 -31.52
N PHE C 174 -29.31 -4.29 -30.45
CA PHE C 174 -28.51 -5.50 -30.64
C PHE C 174 -29.35 -6.68 -31.10
N ILE C 175 -28.70 -7.66 -31.74
CA ILE C 175 -29.41 -8.85 -32.23
C ILE C 175 -29.00 -10.05 -31.36
N THR C 176 -29.90 -11.00 -31.14
CA THR C 176 -29.57 -12.18 -30.32
C THR C 176 -29.55 -13.45 -31.18
N ASN C 177 -28.90 -14.49 -30.70
CA ASN C 177 -28.89 -15.78 -31.43
C ASN C 177 -28.40 -15.54 -32.86
N SER C 178 -27.28 -14.83 -32.98
CA SER C 178 -26.75 -14.50 -34.33
C SER C 178 -25.41 -15.15 -34.67
N GLU C 179 -25.16 -15.23 -35.98
CA GLU C 179 -23.91 -15.67 -36.60
C GLU C 179 -23.42 -14.38 -37.31
N GLU C 180 -22.16 -14.33 -37.72
CA GLU C 180 -21.59 -13.13 -38.37
C GLU C 180 -20.75 -13.46 -39.57
N VAL C 181 -20.59 -12.46 -40.44
CA VAL C 181 -19.70 -12.54 -41.59
C VAL C 181 -18.92 -11.27 -41.48
N ARG C 182 -17.60 -11.39 -41.45
CA ARG C 182 -16.73 -10.24 -41.39
C ARG C 182 -16.22 -9.97 -42.78
N LEU C 183 -16.25 -8.70 -43.21
CA LEU C 183 -15.76 -8.36 -44.56
C LEU C 183 -14.43 -7.61 -44.40
N ARG C 184 -13.75 -7.34 -45.50
CA ARG C 184 -12.51 -6.55 -45.44
C ARG C 184 -12.78 -5.10 -45.06
N SER C 185 -11.73 -4.43 -44.60
CA SER C 185 -11.83 -3.02 -44.24
C SER C 185 -11.27 -2.23 -45.44
N PHE C 186 -11.43 -0.91 -45.41
CA PHE C 186 -10.79 -0.07 -46.41
C PHE C 186 -10.42 1.18 -45.65
N THR C 187 -9.47 1.94 -46.18
CA THR C 187 -9.09 3.16 -45.48
C THR C 187 -8.61 4.21 -46.42
N THR C 188 -8.83 5.46 -46.05
CA THR C 188 -8.39 6.58 -46.87
C THR C 188 -7.10 7.13 -46.21
N THR C 189 -6.77 6.59 -45.04
CA THR C 189 -5.68 7.00 -44.13
C THR C 189 -6.23 8.10 -43.24
N ILE C 190 -7.43 8.58 -43.55
CA ILE C 190 -8.04 9.59 -42.70
C ILE C 190 -9.27 8.96 -42.03
N HIS C 191 -9.96 8.11 -42.78
CA HIS C 191 -11.13 7.39 -42.28
C HIS C 191 -10.96 5.92 -42.61
N LYS C 192 -11.03 5.06 -41.60
CA LYS C 192 -10.93 3.63 -41.86
C LYS C 192 -12.35 3.04 -41.61
N VAL C 193 -12.80 2.19 -42.50
CA VAL C 193 -14.12 1.60 -42.37
C VAL C 193 -14.04 0.08 -42.34
N ASN C 194 -14.59 -0.50 -41.29
CA ASN C 194 -14.65 -1.95 -41.13
C ASN C 194 -16.10 -2.34 -41.39
N SER C 195 -16.35 -3.52 -41.97
CA SER C 195 -17.69 -3.98 -42.27
C SER C 195 -18.01 -5.40 -41.80
N MET C 196 -19.22 -5.59 -41.30
CA MET C 196 -19.66 -6.94 -40.89
C MET C 196 -21.17 -6.98 -40.81
N VAL C 197 -21.74 -8.18 -40.90
CA VAL C 197 -23.16 -8.39 -40.81
C VAL C 197 -23.38 -9.50 -39.81
N ALA C 198 -24.31 -9.26 -38.86
CA ALA C 198 -24.77 -10.25 -37.90
C ALA C 198 -26.19 -10.60 -38.36
N TYR C 199 -26.45 -11.89 -38.45
CA TYR C 199 -27.72 -12.38 -38.90
C TYR C 199 -28.20 -13.56 -38.06
N LYS C 200 -29.49 -13.77 -38.08
CA LYS C 200 -30.16 -14.84 -37.33
C LYS C 200 -29.72 -16.26 -37.79
N ILE C 201 -29.44 -17.19 -36.87
CA ILE C 201 -29.08 -18.58 -37.22
C ILE C 201 -30.32 -19.27 -37.86
N PRO C 202 -30.15 -19.90 -39.05
CA PRO C 202 -31.32 -20.50 -39.64
C PRO C 202 -32.19 -21.28 -38.69
N VAL C 203 -33.53 -21.41 -39.05
CA VAL C 203 -34.50 -22.21 -38.27
C VAL C 203 -35.46 -22.97 -39.11
N ASN C 204 -34.60 -23.89 -39.02
CA ASN C 204 -34.38 -25.22 -39.35
C ASN C 204 -34.90 -25.64 -40.73
N ILE D 11 34.91 -31.98 8.71
CA ILE D 11 34.94 -30.95 9.80
C ILE D 11 34.06 -31.40 10.97
N THR D 12 34.56 -31.17 12.19
CA THR D 12 33.83 -31.52 13.40
C THR D 12 33.51 -30.26 14.22
N LEU D 13 32.88 -30.44 15.37
CA LEU D 13 32.53 -29.32 16.24
C LEU D 13 33.73 -28.92 17.11
N ARG D 14 34.71 -29.82 17.19
CA ARG D 14 35.92 -29.57 17.97
C ARG D 14 37.00 -29.01 17.04
N GLY D 15 37.01 -29.48 15.80
CA GLY D 15 37.98 -29.02 14.84
C GLY D 15 37.77 -27.56 14.53
N SER D 16 36.51 -27.20 14.30
CA SER D 16 36.16 -25.82 13.99
C SER D 16 36.55 -24.95 15.19
N ALA D 17 36.24 -25.45 16.39
CA ALA D 17 36.53 -24.77 17.64
C ALA D 17 38.03 -24.57 17.84
N GLU D 18 38.83 -25.18 16.98
CA GLU D 18 40.29 -25.08 17.04
C GLU D 18 40.81 -24.13 15.97
N ILE D 19 40.25 -24.23 14.78
CA ILE D 19 40.66 -23.40 13.65
C ILE D 19 40.33 -21.92 13.89
N VAL D 20 39.10 -21.65 14.37
CA VAL D 20 38.68 -20.28 14.63
C VAL D 20 39.40 -19.71 15.85
N ALA D 21 39.52 -20.51 16.90
CA ALA D 21 40.19 -20.08 18.13
C ALA D 21 41.64 -19.74 17.81
N GLU D 22 42.26 -20.57 16.97
CA GLU D 22 43.63 -20.37 16.55
C GLU D 22 43.75 -19.08 15.73
N PHE D 23 42.77 -18.85 14.86
CA PHE D 23 42.74 -17.67 14.01
C PHE D 23 42.96 -16.38 14.80
N PHE D 24 42.05 -16.09 15.71
CA PHE D 24 42.13 -14.86 16.53
C PHE D 24 43.50 -14.65 17.15
N SER D 25 44.19 -15.74 17.47
CA SER D 25 45.54 -15.63 18.04
C SER D 25 46.45 -14.86 17.07
N PHE D 26 46.25 -15.10 15.78
CA PHE D 26 47.05 -14.43 14.75
C PHE D 26 46.37 -13.13 14.32
N GLY D 27 45.04 -13.14 14.41
CA GLY D 27 44.26 -11.97 14.05
C GLY D 27 44.47 -10.83 15.03
N ILE D 28 44.79 -11.18 16.27
CA ILE D 28 45.01 -10.20 17.32
C ILE D 28 46.45 -9.69 17.28
N ASN D 29 47.41 -10.63 17.25
CA ASN D 29 48.84 -10.30 17.19
C ASN D 29 49.14 -9.32 16.06
N SER D 30 48.60 -9.63 14.88
CA SER D 30 48.82 -8.80 13.71
C SER D 30 48.32 -7.37 13.90
N ILE D 31 47.08 -7.22 14.38
CA ILE D 31 46.50 -5.89 14.59
C ILE D 31 47.29 -5.09 15.62
N LEU D 32 47.75 -5.75 16.67
CA LEU D 32 48.52 -5.09 17.72
C LEU D 32 49.77 -4.45 17.09
N TYR D 33 50.27 -5.06 16.01
CA TYR D 33 51.44 -4.58 15.30
C TYR D 33 50.98 -3.58 14.24
N GLN D 34 49.92 -3.94 13.53
CA GLN D 34 49.34 -3.09 12.49
C GLN D 34 49.19 -1.67 13.01
N ARG D 35 48.66 -1.56 14.23
CA ARG D 35 48.40 -0.27 14.87
C ARG D 35 49.56 0.21 15.72
N GLY D 36 50.39 -0.74 16.17
CA GLY D 36 51.52 -0.39 16.99
C GLY D 36 51.23 -0.27 18.47
N ILE D 37 50.30 -1.09 18.97
CA ILE D 37 49.96 -1.06 20.39
C ILE D 37 51.23 -1.41 21.16
N TYR D 38 52.05 -2.26 20.54
CA TYR D 38 53.32 -2.69 21.11
C TYR D 38 54.41 -2.46 20.06
N PRO D 39 55.55 -1.87 20.47
CA PRO D 39 56.65 -1.61 19.54
C PRO D 39 56.99 -2.82 18.67
N SER D 40 57.16 -2.58 17.38
CA SER D 40 57.49 -3.65 16.43
C SER D 40 58.64 -4.48 16.99
N GLU D 41 59.55 -3.79 17.66
CA GLU D 41 60.73 -4.36 18.29
C GLU D 41 60.36 -5.25 19.48
N THR D 42 59.17 -5.85 19.43
CA THR D 42 58.70 -6.71 20.51
C THR D 42 57.93 -7.89 19.93
N PHE D 43 58.04 -8.07 18.62
CA PHE D 43 57.35 -9.14 17.92
C PHE D 43 58.38 -10.13 17.33
N THR D 44 57.88 -11.15 16.62
CA THR D 44 58.75 -12.15 16.00
C THR D 44 58.02 -12.95 14.92
N ARG D 45 58.18 -12.50 13.67
CA ARG D 45 57.55 -13.12 12.50
C ARG D 45 57.58 -14.65 12.53
N VAL D 46 56.48 -15.26 12.10
CA VAL D 46 56.35 -16.71 12.05
C VAL D 46 55.39 -17.13 10.93
N GLN D 47 55.74 -18.23 10.27
CA GLN D 47 54.93 -18.75 9.16
C GLN D 47 53.62 -19.41 9.60
N LYS D 48 52.55 -19.05 8.90
CA LYS D 48 51.22 -19.61 9.16
C LYS D 48 50.26 -19.22 8.05
N TYR D 49 49.29 -20.09 7.80
CA TYR D 49 48.31 -19.86 6.75
C TYR D 49 49.10 -19.55 5.49
N GLY D 50 48.54 -18.81 4.55
CA GLY D 50 49.31 -18.54 3.35
C GLY D 50 49.94 -17.16 3.21
N LEU D 51 50.67 -16.66 4.22
CA LEU D 51 51.22 -15.31 4.02
C LEU D 51 52.01 -15.41 5.35
N THR D 52 52.91 -14.48 5.65
CA THR D 52 53.78 -14.52 6.86
C THR D 52 53.07 -13.58 7.84
N LEU D 53 52.97 -14.03 9.09
CA LEU D 53 52.31 -13.28 10.14
C LEU D 53 53.31 -12.94 11.22
N LEU D 54 52.93 -12.03 12.12
CA LEU D 54 53.82 -11.64 13.20
C LEU D 54 53.14 -11.95 14.54
N VAL D 55 53.90 -12.52 15.46
CA VAL D 55 53.38 -12.85 16.79
C VAL D 55 54.14 -12.09 17.87
N THR D 56 53.64 -12.13 19.10
CA THR D 56 54.27 -11.42 20.21
C THR D 56 55.40 -12.24 20.83
N THR D 57 56.20 -11.57 21.65
CA THR D 57 57.33 -12.21 22.32
C THR D 57 57.43 -11.74 23.78
N ASP D 58 56.36 -11.15 24.30
CA ASP D 58 56.38 -10.57 25.64
C ASP D 58 55.87 -11.80 26.38
N LEU D 59 56.35 -12.05 27.60
CA LEU D 59 55.95 -13.22 28.40
C LEU D 59 54.68 -13.01 29.23
N GLU D 60 54.15 -11.80 29.18
CA GLU D 60 52.90 -11.50 29.90
C GLU D 60 51.81 -11.35 28.84
N LEU D 61 52.12 -10.64 27.77
CA LEU D 61 51.16 -10.45 26.68
C LEU D 61 50.74 -11.81 26.12
N ILE D 62 51.69 -12.74 26.07
CA ILE D 62 51.43 -14.08 25.58
C ILE D 62 50.60 -14.89 26.57
N LYS D 63 50.82 -14.61 27.86
CA LYS D 63 50.09 -15.30 28.92
C LYS D 63 48.62 -14.86 28.91
N TYR D 64 48.39 -13.58 28.65
CA TYR D 64 47.04 -13.05 28.59
C TYR D 64 46.28 -13.65 27.41
N LEU D 65 46.79 -13.42 26.20
CA LEU D 65 46.18 -13.92 24.98
C LEU D 65 45.90 -15.43 25.00
N ASN D 66 46.67 -16.16 25.78
CA ASN D 66 46.50 -17.60 25.89
C ASN D 66 45.17 -17.95 26.55
N ASN D 67 44.85 -17.25 27.64
CA ASN D 67 43.60 -17.48 28.35
C ASN D 67 42.41 -17.13 27.49
N VAL D 68 42.40 -15.90 26.98
CA VAL D 68 41.31 -15.42 26.14
C VAL D 68 41.04 -16.30 24.92
N VAL D 69 42.09 -16.87 24.35
CA VAL D 69 41.92 -17.73 23.18
C VAL D 69 41.58 -19.16 23.61
N GLU D 70 42.14 -19.60 24.73
CA GLU D 70 41.84 -20.94 25.21
C GLU D 70 40.38 -20.96 25.63
N GLN D 71 39.94 -19.90 26.29
CA GLN D 71 38.56 -19.77 26.75
C GLN D 71 37.64 -19.58 25.54
N LEU D 72 38.06 -18.73 24.61
CA LEU D 72 37.27 -18.48 23.39
C LEU D 72 37.00 -19.81 22.69
N LYS D 73 38.02 -20.64 22.63
CA LYS D 73 37.94 -21.96 22.02
C LYS D 73 36.87 -22.80 22.72
N ASP D 74 36.95 -22.84 24.05
CA ASP D 74 36.02 -23.61 24.86
C ASP D 74 34.57 -23.20 24.63
N TRP D 75 34.33 -21.90 24.45
CA TRP D 75 32.97 -21.43 24.22
C TRP D 75 32.57 -21.59 22.76
N LEU D 76 33.56 -21.92 21.93
CA LEU D 76 33.32 -22.14 20.50
C LEU D 76 32.74 -23.54 20.32
N TYR D 77 33.06 -24.42 21.27
CA TYR D 77 32.58 -25.79 21.24
C TYR D 77 31.14 -25.87 21.76
N LYS D 78 30.82 -25.04 22.74
CA LYS D 78 29.47 -25.01 23.32
C LYS D 78 28.59 -24.06 22.51
N CYS D 79 29.21 -23.39 21.53
CA CYS D 79 28.51 -22.46 20.64
C CYS D 79 27.79 -21.35 21.40
N SER D 80 28.35 -20.95 22.55
CA SER D 80 27.75 -19.89 23.36
C SER D 80 28.42 -18.54 23.12
N VAL D 81 29.32 -18.48 22.15
CA VAL D 81 30.02 -17.24 21.83
C VAL D 81 29.38 -16.47 20.68
N GLN D 82 29.20 -15.17 20.87
CA GLN D 82 28.57 -14.32 19.86
C GLN D 82 29.53 -13.36 19.16
N LYS D 83 30.55 -12.90 19.88
CA LYS D 83 31.52 -11.97 19.31
C LYS D 83 32.82 -11.87 20.09
N LEU D 84 33.77 -11.19 19.47
CA LEU D 84 35.10 -10.94 20.04
C LEU D 84 35.44 -9.54 19.55
N VAL D 85 35.71 -8.63 20.49
CA VAL D 85 36.07 -7.27 20.13
C VAL D 85 37.41 -6.88 20.72
N VAL D 86 38.23 -6.23 19.90
CA VAL D 86 39.52 -5.77 20.37
C VAL D 86 39.33 -4.27 20.49
N VAL D 87 39.37 -3.76 21.71
CA VAL D 87 39.16 -2.33 21.92
C VAL D 87 40.50 -1.63 22.15
N ILE D 88 40.69 -0.52 21.45
CA ILE D 88 41.91 0.28 21.59
C ILE D 88 41.52 1.63 22.18
N SER D 89 42.01 1.91 23.38
CA SER D 89 41.67 3.16 24.08
C SER D 89 42.86 3.96 24.61
N ASN D 90 42.66 5.27 24.70
CA ASN D 90 43.65 6.19 25.23
C ASN D 90 43.93 5.72 26.66
N ILE D 91 45.20 5.56 27.00
CA ILE D 91 45.56 5.08 28.34
C ILE D 91 45.24 6.09 29.43
N GLU D 92 45.48 7.37 29.17
CA GLU D 92 45.20 8.40 30.17
C GLU D 92 43.69 8.63 30.33
N SER D 93 43.07 9.17 29.28
CA SER D 93 41.64 9.48 29.22
C SER D 93 40.79 8.25 29.48
N GLY D 94 40.95 7.26 28.62
CA GLY D 94 40.19 6.04 28.74
C GLY D 94 39.20 5.91 27.61
N GLU D 95 39.12 6.94 26.77
CA GLU D 95 38.20 6.95 25.64
C GLU D 95 38.67 5.99 24.54
N VAL D 96 37.71 5.36 23.88
CA VAL D 96 38.01 4.43 22.80
C VAL D 96 38.27 5.21 21.51
N LEU D 97 39.22 4.73 20.71
CA LEU D 97 39.56 5.38 19.44
C LEU D 97 39.41 4.44 18.25
N GLU D 98 39.59 3.15 18.50
CA GLU D 98 39.48 2.15 17.46
C GLU D 98 38.81 0.92 18.03
N ARG D 99 37.94 0.30 17.24
CA ARG D 99 37.20 -0.87 17.68
C ARG D 99 37.15 -1.95 16.59
N TRP D 100 37.53 -3.17 16.95
CA TRP D 100 37.53 -4.30 16.04
C TRP D 100 36.56 -5.37 16.54
N GLN D 101 35.52 -5.63 15.77
CA GLN D 101 34.52 -6.60 16.14
C GLN D 101 34.41 -7.74 15.13
N PHE D 102 34.29 -8.96 15.66
CA PHE D 102 34.19 -10.17 14.85
C PHE D 102 32.89 -10.91 15.20
N ASP D 103 31.81 -10.64 14.48
CA ASP D 103 30.55 -11.32 14.76
C ASP D 103 30.64 -12.82 14.50
N ILE D 104 30.78 -13.58 15.58
CA ILE D 104 30.88 -15.03 15.50
C ILE D 104 29.49 -15.64 15.41
N GLU D 105 29.28 -16.46 14.39
CA GLU D 105 28.00 -17.12 14.16
C GLU D 105 28.19 -18.63 14.27
N CYS D 106 27.59 -19.25 15.28
CA CYS D 106 27.72 -20.69 15.49
C CYS D 106 26.51 -21.50 15.01
N ASP D 107 26.67 -22.83 15.00
CA ASP D 107 25.65 -23.77 14.58
C ASP D 107 25.63 -24.90 15.60
N LYS D 108 24.68 -24.83 16.54
CA LYS D 108 24.53 -25.80 17.61
C LYS D 108 24.17 -27.23 17.17
N THR D 109 23.72 -27.39 15.93
CA THR D 109 23.35 -28.72 15.43
C THR D 109 24.61 -29.57 15.25
N ALA D 110 25.75 -28.90 15.07
CA ALA D 110 27.02 -29.59 14.87
C ALA D 110 27.26 -30.67 15.93
N LYS D 111 26.57 -30.54 17.06
CA LYS D 111 26.70 -31.50 18.15
C LYS D 111 25.92 -32.76 17.80
N ASP D 112 24.83 -32.57 17.07
CA ASP D 112 23.94 -33.64 16.67
C ASP D 112 24.29 -34.38 15.39
N ASP D 113 25.50 -34.21 14.89
CA ASP D 113 25.89 -34.88 13.66
C ASP D 113 26.24 -36.33 13.85
N SER D 114 26.76 -36.80 12.77
CA SER D 114 27.20 -38.12 12.46
C SER D 114 28.07 -38.00 11.24
N ALA D 115 27.89 -36.85 10.65
CA ALA D 115 28.55 -36.62 9.41
C ALA D 115 29.55 -35.49 9.40
N PRO D 116 30.83 -35.89 9.37
CA PRO D 116 31.84 -34.85 9.28
C PRO D 116 31.48 -33.95 8.10
N ARG D 117 31.46 -32.66 8.23
CA ARG D 117 31.00 -31.83 7.13
C ARG D 117 31.86 -31.68 5.88
N GLU D 118 31.18 -31.69 4.75
CA GLU D 118 31.77 -31.63 3.40
C GLU D 118 32.83 -30.59 3.07
N LYS D 119 32.71 -29.38 3.59
CA LYS D 119 33.70 -28.35 3.27
C LYS D 119 35.13 -28.76 3.60
N SER D 120 36.02 -28.59 2.63
CA SER D 120 37.44 -28.93 2.76
C SER D 120 38.15 -27.90 3.63
N GLN D 121 39.22 -28.33 4.30
CA GLN D 121 40.00 -27.45 5.17
C GLN D 121 40.88 -26.46 4.40
N LYS D 122 41.09 -26.73 3.11
CA LYS D 122 41.90 -25.85 2.27
C LYS D 122 41.03 -24.66 1.89
N ALA D 123 39.77 -24.93 1.55
CA ALA D 123 38.80 -23.90 1.18
C ALA D 123 38.64 -22.95 2.37
N ILE D 124 38.59 -23.54 3.55
CA ILE D 124 38.45 -22.78 4.80
C ILE D 124 39.68 -21.89 5.02
N GLN D 125 40.87 -22.47 4.86
CA GLN D 125 42.14 -21.76 5.03
C GLN D 125 42.35 -20.65 4.00
N ASP D 126 41.78 -20.84 2.81
CA ASP D 126 41.91 -19.82 1.77
C ASP D 126 41.06 -18.62 2.17
N GLU D 127 39.89 -18.89 2.75
CA GLU D 127 39.01 -17.82 3.18
C GLU D 127 39.70 -17.04 4.31
N ILE D 128 40.21 -17.79 5.30
CA ILE D 128 40.90 -17.21 6.44
C ILE D 128 42.09 -16.35 6.01
N ARG D 129 42.76 -16.76 4.94
CA ARG D 129 43.90 -16.00 4.41
C ARG D 129 43.44 -14.61 3.97
N SER D 130 42.35 -14.57 3.22
CA SER D 130 41.76 -13.34 2.71
C SER D 130 41.40 -12.37 3.84
N VAL D 131 40.69 -12.89 4.84
CA VAL D 131 40.26 -12.10 5.99
C VAL D 131 41.44 -11.37 6.61
N ILE D 132 42.56 -12.09 6.75
CA ILE D 132 43.76 -11.50 7.31
C ILE D 132 44.24 -10.43 6.35
N ALA D 133 44.20 -10.74 5.05
CA ALA D 133 44.63 -9.80 4.02
C ALA D 133 44.07 -8.40 4.29
N GLN D 134 42.75 -8.29 4.37
CA GLN D 134 42.11 -7.00 4.64
C GLN D 134 42.62 -6.43 5.96
N ILE D 135 42.68 -7.28 6.98
CA ILE D 135 43.15 -6.87 8.31
C ILE D 135 44.44 -6.04 8.23
N THR D 136 45.33 -6.40 7.31
CA THR D 136 46.59 -5.68 7.12
C THR D 136 46.44 -4.69 5.97
N ALA D 137 45.51 -4.97 5.07
CA ALA D 137 45.25 -4.11 3.93
C ALA D 137 44.54 -2.86 4.42
N THR D 138 44.19 -2.84 5.71
CA THR D 138 43.52 -1.69 6.30
C THR D 138 44.49 -0.97 7.23
N VAL D 139 45.53 -0.39 6.64
CA VAL D 139 46.52 0.34 7.41
C VAL D 139 46.58 1.76 6.85
N THR D 140 46.19 1.92 5.59
CA THR D 140 46.17 3.24 4.98
C THR D 140 44.75 3.70 4.78
N PHE D 141 44.01 3.65 5.88
CA PHE D 141 42.58 4.03 5.92
C PHE D 141 42.31 4.47 7.33
N LEU D 142 42.71 3.50 8.25
CA LEU D 142 42.64 3.49 9.73
C LEU D 142 43.55 4.59 10.28
N PRO D 143 42.98 5.63 10.86
CA PRO D 143 43.79 6.72 11.42
C PRO D 143 44.97 6.27 12.28
N LEU D 144 45.90 7.18 12.51
CA LEU D 144 47.08 6.87 13.30
C LEU D 144 46.91 7.28 14.77
N LEU D 145 47.35 6.42 15.68
CA LEU D 145 47.24 6.65 17.12
C LEU D 145 48.32 7.58 17.69
N GLU D 146 48.09 8.89 17.61
CA GLU D 146 49.07 9.85 18.11
C GLU D 146 49.03 10.05 19.62
N VAL D 147 48.70 8.98 20.34
CA VAL D 147 48.63 9.01 21.79
C VAL D 147 48.85 7.58 22.31
N SER D 148 49.35 7.46 23.53
CA SER D 148 49.63 6.14 24.10
C SER D 148 48.35 5.31 24.38
N CYS D 149 48.14 4.28 23.58
CA CYS D 149 46.96 3.43 23.72
C CYS D 149 47.25 2.02 24.21
N SER D 150 46.20 1.37 24.72
CA SER D 150 46.28 -0.02 25.18
C SER D 150 45.12 -0.74 24.49
N PHE D 151 44.84 -1.97 24.92
CA PHE D 151 43.76 -2.73 24.31
C PHE D 151 43.19 -3.75 25.28
N ASP D 152 41.97 -4.20 24.99
CA ASP D 152 41.30 -5.22 25.81
C ASP D 152 40.49 -6.12 24.88
N LEU D 153 40.25 -7.34 25.35
CA LEU D 153 39.49 -8.31 24.55
C LEU D 153 38.09 -8.54 25.15
N LEU D 154 37.08 -8.13 24.40
CA LEU D 154 35.69 -8.26 24.81
C LEU D 154 35.03 -9.43 24.06
N ILE D 155 34.46 -10.36 24.83
CA ILE D 155 33.79 -11.51 24.24
C ILE D 155 32.29 -11.52 24.53
N TYR D 156 31.47 -11.29 23.51
CA TYR D 156 30.01 -11.30 23.67
C TYR D 156 29.57 -12.77 23.76
N THR D 157 28.74 -13.09 24.75
CA THR D 157 28.25 -14.46 24.94
C THR D 157 26.75 -14.49 25.23
N ASP D 158 26.20 -15.68 25.40
CA ASP D 158 24.80 -15.82 25.73
C ASP D 158 24.70 -15.39 27.20
N LYS D 159 23.52 -14.93 27.62
CA LYS D 159 23.34 -14.44 28.99
C LYS D 159 23.30 -15.50 30.09
N ASP D 160 22.95 -16.73 29.75
CA ASP D 160 22.88 -17.76 30.77
C ASP D 160 24.22 -18.48 30.97
N LEU D 161 25.22 -18.10 30.16
CA LEU D 161 26.55 -18.70 30.22
C LEU D 161 27.24 -18.39 31.55
N VAL D 162 27.91 -19.40 32.12
CA VAL D 162 28.64 -19.25 33.38
C VAL D 162 29.94 -18.48 33.21
N VAL D 163 30.12 -17.42 34.00
CA VAL D 163 31.32 -16.58 33.95
C VAL D 163 32.49 -17.28 34.61
N PRO D 164 33.51 -17.64 33.83
CA PRO D 164 34.69 -18.32 34.36
C PRO D 164 35.51 -17.54 35.38
N GLU D 165 36.33 -18.27 36.15
CA GLU D 165 37.18 -17.68 37.18
C GLU D 165 38.10 -16.63 36.56
N LYS D 166 38.24 -15.50 37.27
CA LYS D 166 39.08 -14.39 36.83
C LYS D 166 38.36 -13.52 35.79
N TRP D 167 37.17 -13.93 35.38
CA TRP D 167 36.40 -13.17 34.40
C TRP D 167 35.26 -12.38 35.03
N GLU D 168 34.72 -11.43 34.28
CA GLU D 168 33.62 -10.59 34.76
C GLU D 168 32.97 -9.87 33.59
N GLU D 169 31.72 -9.47 33.78
CA GLU D 169 30.98 -8.76 32.74
C GLU D 169 31.52 -7.35 32.54
N SER D 170 31.32 -6.81 31.34
CA SER D 170 31.77 -5.46 31.03
C SER D 170 30.80 -4.77 30.05
N GLY D 171 31.18 -3.57 29.61
CA GLY D 171 30.34 -2.83 28.68
C GLY D 171 30.77 -3.04 27.25
N PRO D 172 30.07 -2.42 26.29
CA PRO D 172 30.40 -2.55 24.87
C PRO D 172 31.62 -1.72 24.47
N GLN D 173 31.98 -0.76 25.30
CA GLN D 173 33.13 0.10 25.02
C GLN D 173 32.95 0.83 23.70
N PHE D 174 31.83 1.52 23.58
CA PHE D 174 31.51 2.30 22.40
C PHE D 174 32.53 3.39 22.12
N ILE D 175 32.53 3.83 20.87
CA ILE D 175 33.36 4.92 20.40
C ILE D 175 32.21 5.88 20.14
N THR D 176 32.21 7.05 20.75
CA THR D 176 31.07 7.95 20.60
C THR D 176 30.63 8.23 19.15
N ASN D 177 31.47 8.89 18.36
CA ASN D 177 31.13 9.20 16.98
C ASN D 177 32.10 8.48 16.08
N SER D 178 31.70 7.32 15.55
CA SER D 178 32.60 6.53 14.71
C SER D 178 32.06 6.05 13.38
N GLU D 179 32.97 5.45 12.61
CA GLU D 179 32.66 4.88 11.30
C GLU D 179 32.91 3.38 11.32
N GLU D 180 31.86 2.63 10.99
CA GLU D 180 31.94 1.17 10.92
C GLU D 180 32.21 0.84 9.45
N VAL D 181 33.36 0.22 9.19
CA VAL D 181 33.73 -0.15 7.83
C VAL D 181 33.95 -1.66 7.69
N ARG D 182 33.00 -2.33 7.02
CA ARG D 182 33.08 -3.77 6.83
C ARG D 182 34.17 -4.11 5.81
N LEU D 183 34.88 -5.21 6.04
CA LEU D 183 35.94 -5.64 5.15
C LEU D 183 35.57 -6.91 4.38
N ARG D 184 35.61 -8.06 5.07
CA ARG D 184 35.28 -9.35 4.46
C ARG D 184 34.91 -10.34 5.55
N SER D 185 35.01 -11.63 5.27
CA SER D 185 34.67 -12.66 6.26
C SER D 185 35.03 -14.07 5.79
N PHE D 186 34.65 -15.05 6.59
CA PHE D 186 34.88 -16.46 6.27
C PHE D 186 34.00 -17.38 7.13
N THR D 187 34.18 -18.68 6.95
CA THR D 187 33.41 -19.66 7.70
C THR D 187 33.96 -21.07 7.52
N THR D 188 33.56 -21.97 8.40
CA THR D 188 33.99 -23.36 8.34
C THR D 188 32.75 -24.16 7.93
N THR D 189 31.94 -24.45 8.92
CA THR D 189 30.71 -25.18 8.73
C THR D 189 29.81 -24.88 9.91
N ILE D 190 30.46 -24.66 11.03
CA ILE D 190 29.85 -24.43 12.32
C ILE D 190 30.07 -23.04 12.85
N HIS D 191 30.97 -22.28 12.21
CA HIS D 191 31.28 -20.92 12.63
C HIS D 191 31.51 -19.97 11.45
N LYS D 192 30.77 -18.86 11.42
CA LYS D 192 30.91 -17.86 10.36
C LYS D 192 31.35 -16.52 10.97
N VAL D 193 32.65 -16.20 10.85
CA VAL D 193 33.24 -14.96 11.40
C VAL D 193 33.26 -13.79 10.39
N ASN D 194 32.74 -12.56 10.69
CA ASN D 194 32.62 -11.45 9.62
C ASN D 194 33.24 -10.16 10.23
N SER D 195 34.41 -9.67 9.75
CA SER D 195 34.80 -8.38 10.23
C SER D 195 34.61 -7.00 9.73
N MET D 196 34.98 -6.12 10.57
CA MET D 196 34.89 -4.76 10.27
C MET D 196 35.67 -4.05 11.34
N VAL D 197 36.12 -2.84 11.02
CA VAL D 197 36.85 -2.03 11.97
C VAL D 197 36.21 -0.66 12.08
N ALA D 198 35.93 -0.23 13.30
CA ALA D 198 35.34 1.06 13.52
C ALA D 198 36.42 1.93 14.13
N TYR D 199 36.53 3.17 13.67
CA TYR D 199 37.54 4.08 14.21
C TYR D 199 36.93 5.45 14.46
N LYS D 200 37.45 6.13 15.48
CA LYS D 200 36.97 7.45 15.85
C LYS D 200 36.92 8.35 14.62
N ILE D 201 35.89 9.19 14.55
CA ILE D 201 35.74 10.10 13.43
C ILE D 201 36.68 11.31 13.57
N PRO D 202 37.50 11.58 12.54
CA PRO D 202 38.43 12.71 12.57
C PRO D 202 37.70 14.03 12.84
N VAL D 203 38.14 14.74 13.89
CA VAL D 203 37.55 16.02 14.27
C VAL D 203 38.14 17.14 13.43
N PHE E 9 20.50 13.86 9.03
CA PHE E 9 21.82 14.21 8.54
C PHE E 9 22.06 13.48 7.17
N SER E 10 23.29 13.40 6.72
CA SER E 10 23.64 12.73 5.47
C SER E 10 23.68 11.23 5.63
N ARG E 11 24.54 10.79 6.54
CA ARG E 11 24.65 9.36 6.75
C ARG E 11 23.34 8.81 7.32
N GLU E 12 22.67 9.55 8.20
CA GLU E 12 21.38 9.09 8.77
C GLU E 12 20.32 8.94 7.70
N GLU E 13 19.96 10.06 7.07
CA GLU E 13 18.93 10.05 6.05
C GLU E 13 19.29 9.05 4.96
N ALA E 14 20.59 8.87 4.74
CA ALA E 14 21.05 7.91 3.73
C ALA E 14 20.53 6.54 4.14
N ASP E 15 20.64 6.22 5.42
CA ASP E 15 20.15 4.94 5.91
C ASP E 15 18.63 4.82 5.75
N THR E 16 17.92 5.93 6.01
CA THR E 16 16.47 5.92 5.87
C THR E 16 16.06 5.94 4.39
N LEU E 17 16.82 6.62 3.56
CA LEU E 17 16.49 6.67 2.13
C LEU E 17 16.68 5.31 1.46
N ARG E 18 17.74 4.59 1.81
CA ARG E 18 17.98 3.28 1.21
C ARG E 18 16.89 2.30 1.66
N LEU E 19 16.18 2.68 2.71
CA LEU E 19 15.09 1.85 3.22
C LEU E 19 13.81 2.25 2.50
N LYS E 20 13.64 3.55 2.27
CA LYS E 20 12.47 4.09 1.59
C LYS E 20 12.50 3.67 0.13
N VAL E 21 13.68 3.77 -0.48
CA VAL E 21 13.83 3.39 -1.88
C VAL E 21 13.61 1.89 -2.05
N GLU E 22 14.15 1.10 -1.12
CA GLU E 22 13.99 -0.35 -1.17
C GLU E 22 12.53 -0.77 -1.01
N GLU E 23 11.76 0.00 -0.25
CA GLU E 23 10.34 -0.31 -0.04
C GLU E 23 9.53 0.02 -1.28
N LEU E 24 9.84 1.14 -1.91
CA LEU E 24 9.16 1.56 -3.12
C LEU E 24 9.44 0.57 -4.24
N GLU E 25 10.60 -0.07 -4.17
CA GLU E 25 11.02 -1.06 -5.15
C GLU E 25 10.08 -2.25 -5.12
N GLY E 26 9.94 -2.85 -3.94
CA GLY E 26 9.07 -4.00 -3.77
C GLY E 26 7.64 -3.70 -4.17
N GLU E 27 7.22 -2.47 -3.95
CA GLU E 27 5.87 -2.05 -4.31
C GLU E 27 5.76 -2.02 -5.83
N ARG E 28 6.62 -1.23 -6.47
CA ARG E 28 6.65 -1.10 -7.93
C ARG E 28 6.64 -2.49 -8.56
N SER E 29 7.45 -3.39 -8.02
CA SER E 29 7.55 -4.76 -8.51
C SER E 29 6.23 -5.51 -8.37
N ARG E 30 5.60 -5.35 -7.21
CA ARG E 30 4.34 -6.02 -6.94
C ARG E 30 3.20 -5.46 -7.78
N LEU E 31 3.22 -4.15 -8.02
CA LEU E 31 2.19 -3.51 -8.82
C LEU E 31 2.23 -4.05 -10.25
N GLU E 32 3.42 -4.09 -10.85
CA GLU E 32 3.56 -4.60 -12.21
C GLU E 32 2.98 -6.01 -12.31
N GLU E 33 3.22 -6.83 -11.30
CA GLU E 33 2.71 -8.19 -11.28
C GLU E 33 1.17 -8.16 -11.24
N GLU E 34 0.62 -7.22 -10.47
CA GLU E 34 -0.82 -7.07 -10.35
C GLU E 34 -1.39 -6.57 -11.67
N LYS E 35 -0.77 -5.53 -12.21
CA LYS E 35 -1.20 -4.95 -13.47
C LYS E 35 -1.24 -6.04 -14.52
N ARG E 36 -0.23 -6.90 -14.52
CA ARG E 36 -0.16 -7.98 -15.50
C ARG E 36 -1.32 -8.95 -15.32
N MET E 37 -1.59 -9.34 -14.08
CA MET E 37 -2.67 -10.26 -13.80
C MET E 37 -4.03 -9.70 -14.17
N LEU E 38 -4.25 -8.41 -13.95
CA LEU E 38 -5.52 -7.80 -14.32
C LEU E 38 -5.65 -7.83 -15.83
N GLU E 39 -4.54 -7.62 -16.52
CA GLU E 39 -4.52 -7.65 -17.97
C GLU E 39 -4.87 -9.04 -18.46
N ALA E 40 -4.35 -10.06 -17.80
CA ALA E 40 -4.63 -11.45 -18.16
C ALA E 40 -6.09 -11.80 -17.87
N GLN E 41 -6.72 -11.06 -16.95
CA GLN E 41 -8.11 -11.31 -16.61
C GLN E 41 -9.01 -10.68 -17.66
N LEU E 42 -8.75 -9.44 -18.01
CA LEU E 42 -9.53 -8.72 -19.01
C LEU E 42 -9.54 -9.39 -20.37
N GLU E 43 -8.39 -9.89 -20.80
CA GLU E 43 -8.26 -10.53 -22.11
C GLU E 43 -8.88 -11.95 -22.13
N ARG E 44 -8.84 -12.64 -21.01
CA ARG E 44 -9.37 -13.99 -20.89
C ARG E 44 -10.91 -14.08 -20.77
N ARG E 45 -11.57 -13.01 -20.35
CA ARG E 45 -13.01 -13.10 -20.14
C ARG E 45 -13.92 -12.97 -21.38
N ALA E 46 -15.20 -13.34 -21.19
CA ALA E 46 -16.23 -13.37 -22.24
C ALA E 46 -16.80 -12.07 -22.78
N LEU E 47 -16.95 -11.07 -21.92
CA LEU E 47 -17.51 -9.78 -22.33
C LEU E 47 -16.43 -8.90 -23.00
N GLN E 48 -16.32 -9.06 -24.31
CA GLN E 48 -15.31 -8.33 -25.06
C GLN E 48 -15.69 -6.99 -25.73
N GLY E 49 -16.89 -6.87 -26.29
CA GLY E 49 -17.21 -5.61 -26.96
C GLY E 49 -18.12 -4.67 -26.19
N ASP E 50 -17.65 -4.21 -25.03
CA ASP E 50 -18.45 -3.36 -24.13
C ASP E 50 -18.76 -1.93 -24.62
N TYR E 51 -19.87 -1.39 -24.14
CA TYR E 51 -20.36 -0.06 -24.47
C TYR E 51 -19.96 0.92 -23.37
N ASP E 52 -19.30 2.01 -23.77
CA ASP E 52 -18.88 3.06 -22.83
C ASP E 52 -19.67 4.33 -23.08
N GLN E 53 -20.70 4.58 -22.25
CA GLN E 53 -21.53 5.74 -22.45
C GLN E 53 -20.83 7.08 -22.15
N SER E 54 -19.60 7.05 -21.63
CA SER E 54 -18.90 8.31 -21.36
C SER E 54 -18.21 8.77 -22.63
N ARG E 55 -18.10 7.88 -23.59
CA ARG E 55 -17.44 8.21 -24.87
C ARG E 55 -18.31 8.00 -26.10
N THR E 56 -19.45 7.35 -25.91
CA THR E 56 -20.32 7.02 -27.03
C THR E 56 -21.80 7.22 -26.78
N LYS E 57 -22.52 7.61 -27.83
CA LYS E 57 -23.98 7.66 -27.77
C LYS E 57 -24.42 7.17 -29.17
N VAL E 58 -25.67 6.77 -29.30
CA VAL E 58 -26.18 6.26 -30.57
C VAL E 58 -27.31 7.19 -31.00
N LEU E 59 -27.24 7.72 -32.21
CA LEU E 59 -28.26 8.62 -32.74
C LEU E 59 -28.96 8.01 -33.97
N HIS E 60 -30.19 8.47 -34.22
CA HIS E 60 -30.95 8.05 -35.41
C HIS E 60 -32.00 9.13 -35.69
N MET E 61 -32.60 9.10 -36.87
CA MET E 61 -33.67 10.04 -37.18
C MET E 61 -34.93 9.62 -36.50
N SER E 62 -35.58 10.57 -35.81
CA SER E 62 -36.80 10.25 -35.10
C SER E 62 -37.87 9.65 -36.00
N LEU E 63 -37.93 10.10 -37.24
CA LEU E 63 -38.91 9.54 -38.18
C LEU E 63 -38.02 8.80 -39.20
N ASN E 64 -38.30 7.51 -39.40
CA ASN E 64 -37.42 6.72 -40.26
C ASN E 64 -38.26 5.61 -40.90
N PRO E 65 -37.67 4.81 -41.85
CA PRO E 65 -38.52 3.78 -42.46
C PRO E 65 -39.19 2.83 -41.50
N THR E 66 -38.56 2.53 -40.36
CA THR E 66 -39.19 1.62 -39.40
C THR E 66 -40.33 2.26 -38.60
N SER E 67 -40.15 3.50 -38.14
CA SER E 67 -41.27 4.11 -37.40
C SER E 67 -42.48 4.28 -38.35
N VAL E 68 -42.20 4.61 -39.60
CA VAL E 68 -43.27 4.78 -40.60
C VAL E 68 -43.95 3.44 -40.89
N ALA E 69 -43.17 2.37 -41.08
CA ALA E 69 -43.79 1.07 -41.36
C ALA E 69 -44.66 0.60 -40.18
N ARG E 70 -44.19 0.79 -38.94
CA ARG E 70 -44.99 0.36 -37.78
C ARG E 70 -46.30 1.13 -37.70
N GLN E 71 -46.25 2.42 -37.99
CA GLN E 71 -47.46 3.20 -37.97
C GLN E 71 -48.43 2.73 -39.07
N ARG E 72 -47.92 2.42 -40.27
CA ARG E 72 -48.76 1.92 -41.35
C ARG E 72 -49.43 0.61 -40.95
N LEU E 73 -48.67 -0.26 -40.30
CA LEU E 73 -49.20 -1.54 -39.85
C LEU E 73 -50.35 -1.31 -38.84
N ARG E 74 -50.20 -0.38 -37.91
CA ARG E 74 -51.29 -0.11 -36.96
C ARG E 74 -52.54 0.40 -37.69
N GLU E 75 -52.36 1.31 -38.62
CA GLU E 75 -53.48 1.84 -39.38
C GLU E 75 -54.14 0.77 -40.23
N ASP E 76 -53.35 -0.10 -40.89
CA ASP E 76 -53.93 -1.19 -41.66
C ASP E 76 -54.67 -2.15 -40.75
N HIS E 77 -54.08 -2.47 -39.59
CA HIS E 77 -54.77 -3.35 -38.67
C HIS E 77 -56.13 -2.74 -38.30
N SER E 78 -56.15 -1.45 -37.97
CA SER E 78 -57.42 -0.77 -37.63
C SER E 78 -58.41 -0.84 -38.78
N GLN E 79 -57.96 -0.44 -39.96
CA GLN E 79 -58.81 -0.46 -41.13
C GLN E 79 -59.41 -1.84 -41.40
N LEU E 80 -58.61 -2.89 -41.29
CA LEU E 80 -59.08 -4.26 -41.51
C LEU E 80 -60.07 -4.61 -40.41
N GLN E 81 -59.78 -4.13 -39.20
CA GLN E 81 -60.59 -4.35 -38.03
C GLN E 81 -62.01 -3.80 -38.25
N ALA E 82 -62.08 -2.53 -38.64
CA ALA E 82 -63.34 -1.84 -38.89
C ALA E 82 -64.10 -2.44 -40.06
N GLU E 83 -63.38 -2.94 -41.04
CA GLU E 83 -64.01 -3.54 -42.20
C GLU E 83 -64.68 -4.85 -41.84
N CYS E 84 -63.99 -5.63 -41.02
CA CYS E 84 -64.53 -6.90 -40.57
C CYS E 84 -65.83 -6.65 -39.83
N GLU E 85 -65.84 -5.62 -39.00
CA GLU E 85 -67.02 -5.27 -38.23
C GLU E 85 -68.15 -4.88 -39.19
N ARG E 86 -67.83 -4.05 -40.18
CA ARG E 86 -68.84 -3.62 -41.13
C ARG E 86 -69.47 -4.80 -41.85
N LEU E 87 -68.66 -5.67 -42.45
CA LEU E 87 -69.19 -6.81 -43.17
C LEU E 87 -70.10 -7.69 -42.32
N ARG E 88 -69.66 -8.06 -41.13
CA ARG E 88 -70.52 -8.90 -40.28
C ARG E 88 -71.70 -8.04 -39.82
N GLY E 89 -71.52 -6.72 -39.87
CA GLY E 89 -72.57 -5.80 -39.50
C GLY E 89 -73.55 -5.59 -40.65
N LEU E 90 -73.41 -6.43 -41.68
CA LEU E 90 -74.30 -6.39 -42.85
C LEU E 90 -74.85 -7.79 -43.08
N LEU E 91 -74.01 -8.79 -42.85
CA LEU E 91 -74.45 -10.17 -43.01
C LEU E 91 -75.50 -10.54 -41.96
N ARG E 92 -75.33 -9.97 -40.76
CA ARG E 92 -76.23 -10.22 -39.66
C ARG E 92 -77.58 -9.74 -40.02
N ALA E 93 -77.67 -8.58 -40.64
CA ALA E 93 -78.96 -8.05 -41.00
C ALA E 93 -79.45 -8.46 -42.46
N MET E 94 -79.56 -9.71 -42.88
CA MET E 94 -80.11 -10.17 -44.22
C MET E 94 -80.60 -11.41 -43.70
N GLU E 95 -79.98 -11.25 -42.56
CA GLU E 95 -80.12 -11.93 -41.28
C GLU E 95 -79.23 -13.19 -41.23
N PHE F 9 32.63 13.42 4.30
CA PHE F 9 31.23 13.91 4.20
C PHE F 9 30.60 13.42 2.90
N SER F 10 29.45 12.76 3.00
CA SER F 10 28.74 12.23 1.84
C SER F 10 27.28 12.68 1.78
N ARG F 11 27.06 14.00 1.73
CA ARG F 11 25.70 14.52 1.66
C ARG F 11 25.16 14.39 0.24
N GLU F 12 25.93 13.75 -0.63
CA GLU F 12 25.48 13.58 -1.99
C GLU F 12 24.95 12.17 -2.23
N GLU F 13 25.46 11.20 -1.47
CA GLU F 13 24.96 9.84 -1.61
C GLU F 13 23.55 9.80 -1.04
N ALA F 14 23.04 10.97 -0.68
CA ALA F 14 21.70 11.12 -0.12
C ALA F 14 20.89 12.04 -1.04
N ASP F 15 21.58 12.81 -1.85
CA ASP F 15 20.93 13.72 -2.79
C ASP F 15 20.50 12.91 -4.01
N THR F 16 21.28 11.89 -4.34
CA THR F 16 20.95 11.03 -5.47
C THR F 16 19.75 10.19 -5.06
N LEU F 17 19.63 9.91 -3.77
CA LEU F 17 18.53 9.11 -3.25
C LEU F 17 17.23 9.90 -3.24
N ARG F 18 17.30 11.19 -2.94
CA ARG F 18 16.10 12.03 -2.93
C ARG F 18 15.53 12.05 -4.34
N LEU F 19 16.39 11.71 -5.31
CA LEU F 19 15.97 11.67 -6.72
C LEU F 19 15.43 10.28 -7.06
N LYS F 20 16.13 9.24 -6.59
CA LYS F 20 15.69 7.89 -6.86
C LYS F 20 14.38 7.59 -6.15
N VAL F 21 14.18 8.20 -4.98
CA VAL F 21 12.95 8.00 -4.22
C VAL F 21 11.77 8.67 -4.90
N GLU F 22 11.97 9.91 -5.40
CA GLU F 22 10.90 10.63 -6.10
C GLU F 22 10.55 9.89 -7.39
N GLU F 23 11.51 9.15 -7.93
CA GLU F 23 11.30 8.38 -9.15
C GLU F 23 10.25 7.33 -8.89
N LEU F 24 10.58 6.38 -8.02
CA LEU F 24 9.65 5.31 -7.68
C LEU F 24 8.27 5.84 -7.32
N GLU F 25 8.21 6.87 -6.47
CA GLU F 25 6.93 7.42 -6.08
C GLU F 25 6.16 7.93 -7.30
N GLY F 26 6.87 8.57 -8.21
CA GLY F 26 6.24 9.06 -9.42
C GLY F 26 5.76 7.88 -10.24
N GLU F 27 6.56 6.81 -10.26
CA GLU F 27 6.20 5.60 -10.99
C GLU F 27 5.06 4.86 -10.28
N ARG F 28 5.23 4.62 -8.98
CA ARG F 28 4.20 3.93 -8.19
C ARG F 28 2.86 4.62 -8.37
N SER F 29 2.89 5.95 -8.46
CA SER F 29 1.68 6.74 -8.65
C SER F 29 0.97 6.34 -9.94
N ARG F 30 1.72 6.29 -11.04
CA ARG F 30 1.18 5.91 -12.34
C ARG F 30 0.73 4.46 -12.33
N LEU F 31 1.51 3.58 -11.70
CA LEU F 31 1.15 2.18 -11.64
C LEU F 31 -0.15 2.00 -10.87
N GLU F 32 -0.42 2.89 -9.91
CA GLU F 32 -1.62 2.81 -9.10
C GLU F 32 -2.84 3.30 -9.88
N GLU F 33 -2.69 4.41 -10.58
CA GLU F 33 -3.80 4.96 -11.36
C GLU F 33 -4.13 3.99 -12.50
N GLU F 34 -3.11 3.33 -13.02
CA GLU F 34 -3.30 2.36 -14.09
C GLU F 34 -4.10 1.19 -13.54
N LYS F 35 -3.62 0.66 -12.41
CA LYS F 35 -4.26 -0.46 -11.74
C LYS F 35 -5.72 -0.12 -11.46
N ARG F 36 -5.96 1.13 -11.04
CA ARG F 36 -7.29 1.59 -10.74
C ARG F 36 -8.21 1.45 -11.96
N MET F 37 -7.79 2.01 -13.10
CA MET F 37 -8.56 1.94 -14.33
C MET F 37 -8.86 0.50 -14.72
N LEU F 38 -7.87 -0.37 -14.57
CA LEU F 38 -8.06 -1.79 -14.89
C LEU F 38 -9.10 -2.44 -13.99
N GLU F 39 -9.04 -2.14 -12.70
CA GLU F 39 -10.00 -2.70 -11.74
C GLU F 39 -11.43 -2.21 -12.02
N ALA F 40 -11.55 -0.94 -12.39
CA ALA F 40 -12.87 -0.38 -12.67
C ALA F 40 -13.48 -1.11 -13.87
N GLN F 41 -12.64 -1.43 -14.86
CA GLN F 41 -13.11 -2.16 -16.05
C GLN F 41 -13.55 -3.56 -15.66
N LEU F 42 -12.69 -4.24 -14.91
CA LEU F 42 -12.99 -5.60 -14.51
C LEU F 42 -14.23 -5.64 -13.66
N GLU F 43 -14.37 -4.67 -12.76
CA GLU F 43 -15.53 -4.66 -11.88
C GLU F 43 -16.82 -4.36 -12.63
N ARG F 44 -16.81 -3.40 -13.55
CA ARG F 44 -18.05 -3.15 -14.28
C ARG F 44 -18.45 -4.38 -15.10
N ARG F 45 -17.49 -5.00 -15.76
CA ARG F 45 -17.78 -6.17 -16.55
C ARG F 45 -18.28 -7.30 -15.65
N ALA F 46 -17.75 -7.41 -14.43
CA ALA F 46 -18.20 -8.46 -13.51
C ALA F 46 -19.67 -8.22 -13.16
N LEU F 47 -20.00 -6.96 -12.85
CA LEU F 47 -21.38 -6.60 -12.54
C LEU F 47 -22.29 -6.88 -13.76
N GLN F 48 -21.71 -6.86 -14.97
CA GLN F 48 -22.46 -7.10 -16.20
C GLN F 48 -22.65 -8.57 -16.50
N GLY F 49 -21.96 -9.43 -15.75
CA GLY F 49 -22.09 -10.87 -15.98
C GLY F 49 -20.88 -11.58 -16.62
N ASP F 50 -19.77 -10.88 -16.75
CA ASP F 50 -18.58 -11.44 -17.36
C ASP F 50 -18.10 -12.68 -16.57
N TYR F 51 -17.45 -13.59 -17.27
CA TYR F 51 -16.92 -14.81 -16.71
C TYR F 51 -15.88 -15.33 -17.69
N ASP F 52 -15.17 -16.37 -17.25
CA ASP F 52 -14.13 -17.02 -18.06
C ASP F 52 -14.74 -18.29 -18.64
N GLN F 53 -14.92 -18.31 -19.95
CA GLN F 53 -15.53 -19.46 -20.61
C GLN F 53 -14.83 -20.82 -20.43
N SER F 54 -13.57 -20.83 -20.02
CA SER F 54 -12.86 -22.09 -19.81
C SER F 54 -13.22 -22.77 -18.46
N ARG F 55 -13.62 -21.98 -17.46
CA ARG F 55 -13.99 -22.54 -16.15
C ARG F 55 -15.48 -22.40 -15.80
N THR F 56 -16.23 -21.75 -16.69
CA THR F 56 -17.65 -21.53 -16.44
C THR F 56 -18.54 -21.59 -17.67
N LYS F 57 -19.76 -22.11 -17.49
CA LYS F 57 -20.77 -22.16 -18.54
C LYS F 57 -22.09 -21.72 -17.93
N VAL F 58 -23.02 -21.35 -18.80
CA VAL F 58 -24.35 -20.87 -18.42
C VAL F 58 -25.40 -21.85 -18.89
N LEU F 59 -26.28 -22.22 -17.96
CA LEU F 59 -27.36 -23.16 -18.23
C LEU F 59 -28.69 -22.51 -17.95
N HIS F 60 -29.75 -23.08 -18.51
CA HIS F 60 -31.09 -22.61 -18.22
C HIS F 60 -31.98 -23.74 -18.64
N MET F 61 -33.26 -23.64 -18.31
CA MET F 61 -34.20 -24.65 -18.73
C MET F 61 -34.69 -24.29 -20.15
N SER F 62 -34.71 -25.29 -21.05
CA SER F 62 -35.15 -25.08 -22.44
C SER F 62 -36.54 -24.48 -22.49
N LEU F 63 -37.44 -24.96 -21.63
CA LEU F 63 -38.80 -24.38 -21.56
C LEU F 63 -38.79 -23.50 -20.31
N ASN F 64 -39.06 -22.21 -20.48
CA ASN F 64 -39.01 -21.29 -19.39
C ASN F 64 -40.05 -20.23 -19.68
N PRO F 65 -40.37 -19.38 -18.70
CA PRO F 65 -41.39 -18.37 -18.98
C PRO F 65 -41.16 -17.51 -20.21
N THR F 66 -39.92 -17.17 -20.51
CA THR F 66 -39.66 -16.35 -21.68
C THR F 66 -39.89 -17.12 -22.99
N SER F 67 -39.35 -18.34 -23.10
CA SER F 67 -39.55 -19.09 -24.35
C SER F 67 -41.04 -19.40 -24.54
N VAL F 68 -41.73 -19.64 -23.43
CA VAL F 68 -43.16 -19.94 -23.47
C VAL F 68 -43.93 -18.74 -24.01
N ALA F 69 -43.69 -17.58 -23.42
CA ALA F 69 -44.37 -16.37 -23.86
C ALA F 69 -44.04 -16.04 -25.32
N ARG F 70 -42.79 -16.24 -25.74
CA ARG F 70 -42.41 -15.96 -27.12
C ARG F 70 -43.17 -16.89 -28.07
N GLN F 71 -43.21 -18.17 -27.71
CA GLN F 71 -43.93 -19.17 -28.50
C GLN F 71 -45.41 -18.78 -28.68
N ARG F 72 -46.05 -18.33 -27.60
CA ARG F 72 -47.45 -17.94 -27.71
C ARG F 72 -47.62 -16.75 -28.66
N LEU F 73 -46.62 -15.86 -28.70
CA LEU F 73 -46.70 -14.71 -29.60
C LEU F 73 -46.61 -15.22 -31.04
N ARG F 74 -45.73 -16.18 -31.28
CA ARG F 74 -45.58 -16.77 -32.60
C ARG F 74 -46.87 -17.47 -33.02
N GLU F 75 -47.52 -18.14 -32.08
CA GLU F 75 -48.75 -18.83 -32.41
C GLU F 75 -49.91 -17.85 -32.62
N ASP F 76 -49.83 -16.67 -32.00
CA ASP F 76 -50.89 -15.67 -32.17
C ASP F 76 -50.76 -15.06 -33.56
N HIS F 77 -49.53 -14.89 -34.02
CA HIS F 77 -49.33 -14.31 -35.33
C HIS F 77 -49.62 -15.30 -36.47
N SER F 78 -49.36 -16.58 -36.23
CA SER F 78 -49.63 -17.60 -37.25
C SER F 78 -51.14 -17.81 -37.34
N GLN F 79 -51.81 -17.65 -36.22
CA GLN F 79 -53.25 -17.79 -36.16
C GLN F 79 -53.88 -16.60 -36.89
N LEU F 80 -53.24 -15.45 -36.79
CA LEU F 80 -53.73 -14.26 -37.45
C LEU F 80 -53.58 -14.41 -38.96
N GLN F 81 -52.40 -14.87 -39.40
CA GLN F 81 -52.16 -15.08 -40.82
C GLN F 81 -53.16 -16.12 -41.32
N ALA F 82 -53.40 -17.15 -40.50
CA ALA F 82 -54.33 -18.23 -40.83
C ALA F 82 -55.74 -17.71 -41.10
N GLU F 83 -56.33 -17.02 -40.14
CA GLU F 83 -57.68 -16.49 -40.31
C GLU F 83 -57.77 -15.63 -41.56
N CYS F 84 -56.80 -14.73 -41.74
CA CYS F 84 -56.77 -13.83 -42.90
C CYS F 84 -56.77 -14.56 -44.24
N GLU F 85 -55.96 -15.61 -44.32
CA GLU F 85 -55.85 -16.38 -45.55
C GLU F 85 -57.16 -17.15 -45.82
N ARG F 86 -57.77 -17.69 -44.76
CA ARG F 86 -59.03 -18.43 -44.87
C ARG F 86 -60.17 -17.50 -45.28
N LEU F 87 -60.35 -16.42 -44.53
CA LEU F 87 -61.37 -15.43 -44.82
C LEU F 87 -61.22 -15.04 -46.27
N ARG F 88 -59.95 -14.90 -46.66
CA ARG F 88 -59.54 -14.55 -48.01
C ARG F 88 -60.15 -15.49 -49.04
N GLY F 89 -60.09 -16.80 -48.76
CA GLY F 89 -60.61 -17.78 -49.69
C GLY F 89 -62.12 -17.70 -49.81
N LEU F 90 -62.79 -17.65 -48.66
CA LEU F 90 -64.23 -17.56 -48.64
C LEU F 90 -64.71 -16.44 -49.55
N LEU F 91 -64.35 -15.21 -49.20
CA LEU F 91 -64.73 -14.04 -49.99
C LEU F 91 -64.49 -14.28 -51.48
N ARG F 92 -63.42 -14.99 -51.81
CA ARG F 92 -63.08 -15.26 -53.19
C ARG F 92 -64.01 -16.29 -53.84
N ALA F 93 -64.20 -17.43 -53.16
CA ALA F 93 -65.05 -18.49 -53.67
C ALA F 93 -66.49 -18.01 -53.81
N MET F 94 -66.95 -17.24 -52.81
CA MET F 94 -68.30 -16.72 -52.83
C MET F 94 -68.37 -15.65 -53.93
N GLU F 95 -68.61 -16.10 -55.16
CA GLU F 95 -68.69 -15.21 -56.32
C GLU F 95 -67.39 -14.42 -56.51
N SER G 1 -26.13 8.05 -14.88
CA SER G 1 -26.15 9.37 -15.56
C SER G 1 -27.32 10.24 -15.03
N SER G 2 -28.41 9.59 -14.66
CA SER G 2 -29.59 10.28 -14.13
C SER G 2 -29.43 10.68 -12.68
N ALA G 3 -30.35 11.51 -12.20
CA ALA G 3 -30.35 11.94 -10.81
C ALA G 3 -30.65 10.69 -9.97
N GLU G 4 -31.42 9.77 -10.57
CA GLU G 4 -31.81 8.52 -9.92
C GLU G 4 -30.62 7.59 -9.72
N GLN G 5 -29.86 7.39 -10.79
CA GLN G 5 -28.68 6.54 -10.73
C GLN G 5 -27.69 7.13 -9.71
N SER G 6 -27.76 8.44 -9.50
CA SER G 6 -26.87 9.09 -8.53
C SER G 6 -27.08 8.54 -7.14
N PHE G 7 -28.33 8.42 -6.73
CA PHE G 7 -28.63 7.92 -5.40
C PHE G 7 -28.09 6.51 -5.26
N LEU G 8 -28.27 5.69 -6.29
CA LEU G 8 -27.80 4.32 -6.22
C LEU G 8 -26.27 4.31 -6.15
N PHE G 9 -25.64 5.20 -6.92
CA PHE G 9 -24.19 5.28 -6.93
C PHE G 9 -23.66 5.68 -5.57
N SER G 10 -24.31 6.66 -4.94
CA SER G 10 -23.91 7.13 -3.62
C SER G 10 -23.92 6.02 -2.60
N ARG G 11 -24.96 5.19 -2.60
CA ARG G 11 -25.05 4.10 -1.64
C ARG G 11 -23.91 3.12 -1.86
N GLU G 12 -23.66 2.85 -3.14
CA GLU G 12 -22.61 1.95 -3.56
C GLU G 12 -21.24 2.49 -3.17
N GLU G 13 -21.02 3.77 -3.44
CA GLU G 13 -19.73 4.40 -3.13
C GLU G 13 -19.45 4.40 -1.63
N ALA G 14 -20.46 4.76 -0.83
CA ALA G 14 -20.28 4.78 0.61
C ALA G 14 -19.86 3.41 1.12
N ASP G 15 -20.47 2.35 0.59
CA ASP G 15 -20.12 0.99 1.02
C ASP G 15 -18.67 0.67 0.67
N THR G 16 -18.23 1.13 -0.49
CA THR G 16 -16.87 0.89 -0.95
C THR G 16 -15.83 1.66 -0.12
N LEU G 17 -16.14 2.92 0.18
CA LEU G 17 -15.26 3.76 0.99
C LEU G 17 -15.21 3.22 2.42
N ARG G 18 -16.29 2.57 2.84
CA ARG G 18 -16.38 1.98 4.17
C ARG G 18 -15.42 0.80 4.26
N LEU G 19 -15.36 0.05 3.17
CA LEU G 19 -14.49 -1.12 3.10
C LEU G 19 -13.03 -0.68 3.00
N LYS G 20 -12.79 0.47 2.37
CA LYS G 20 -11.43 0.98 2.22
C LYS G 20 -10.94 1.43 3.59
N VAL G 21 -11.69 2.33 4.21
CA VAL G 21 -11.36 2.84 5.54
C VAL G 21 -11.11 1.70 6.51
N GLU G 22 -11.92 0.65 6.44
CA GLU G 22 -11.74 -0.49 7.32
C GLU G 22 -10.47 -1.27 7.01
N GLU G 23 -10.07 -1.25 5.74
CA GLU G 23 -8.86 -1.96 5.31
C GLU G 23 -7.64 -1.15 5.78
N LEU G 24 -7.70 0.17 5.58
CA LEU G 24 -6.63 1.06 5.98
C LEU G 24 -6.43 1.05 7.50
N GLU G 25 -7.52 0.89 8.25
CA GLU G 25 -7.42 0.86 9.71
C GLU G 25 -6.76 -0.42 10.19
N GLY G 26 -7.23 -1.56 9.67
CA GLY G 26 -6.64 -2.82 10.06
C GLY G 26 -5.18 -2.82 9.64
N GLU G 27 -4.85 -1.92 8.73
CA GLU G 27 -3.49 -1.78 8.22
C GLU G 27 -2.66 -0.91 9.16
N ARG G 28 -3.30 0.12 9.72
CA ARG G 28 -2.65 1.02 10.66
C ARG G 28 -2.43 0.23 11.94
N SER G 29 -3.32 -0.72 12.19
CA SER G 29 -3.22 -1.54 13.37
C SER G 29 -1.94 -2.37 13.29
N ARG G 30 -1.67 -2.95 12.13
CA ARG G 30 -0.48 -3.76 11.93
C ARG G 30 0.77 -2.91 12.09
N LEU G 31 0.83 -1.79 11.38
CA LEU G 31 1.99 -0.92 11.46
C LEU G 31 2.30 -0.54 12.91
N GLU G 32 1.27 -0.15 13.65
CA GLU G 32 1.43 0.25 15.04
C GLU G 32 2.02 -0.79 15.96
N GLU G 33 1.70 -2.06 15.76
CA GLU G 33 2.28 -3.07 16.62
C GLU G 33 3.73 -3.36 16.26
N GLU G 34 4.01 -3.55 14.98
CA GLU G 34 5.38 -3.81 14.59
C GLU G 34 6.27 -2.63 15.01
N LYS G 35 5.71 -1.42 14.99
CA LYS G 35 6.45 -0.25 15.41
C LYS G 35 6.77 -0.41 16.89
N ARG G 36 5.83 -0.98 17.64
CA ARG G 36 6.01 -1.19 19.07
C ARG G 36 6.98 -2.31 19.37
N MET G 37 6.82 -3.45 18.69
CA MET G 37 7.69 -4.58 18.91
C MET G 37 9.09 -4.23 18.42
N LEU G 38 9.16 -3.09 17.73
CA LEU G 38 10.41 -2.59 17.20
C LEU G 38 11.03 -1.70 18.27
N GLU G 39 10.26 -0.74 18.75
CA GLU G 39 10.74 0.16 19.80
C GLU G 39 10.94 -0.66 21.06
N ALA G 40 10.44 -1.89 21.06
CA ALA G 40 10.59 -2.77 22.21
C ALA G 40 12.01 -3.35 22.27
N GLN G 41 12.46 -3.98 21.19
CA GLN G 41 13.80 -4.56 21.19
C GLN G 41 14.79 -3.43 21.36
N LEU G 42 14.33 -2.21 21.11
CA LEU G 42 15.16 -1.03 21.25
C LEU G 42 15.31 -0.68 22.75
N GLU G 43 14.32 -1.04 23.56
CA GLU G 43 14.38 -0.78 25.00
C GLU G 43 15.30 -1.82 25.62
N ARG G 44 15.44 -2.97 24.97
CA ARG G 44 16.31 -4.05 25.46
C ARG G 44 17.76 -3.78 25.09
N ARG G 45 18.00 -2.73 24.31
CA ARG G 45 19.35 -2.39 23.87
C ARG G 45 20.27 -1.78 24.94
N ALA G 46 21.56 -2.10 24.85
CA ALA G 46 22.55 -1.59 25.79
C ALA G 46 22.54 -0.07 25.69
N LEU G 47 22.63 0.44 24.47
CA LEU G 47 22.60 1.87 24.26
C LEU G 47 21.17 2.29 24.51
N GLN G 48 20.96 3.50 25.02
CA GLN G 48 19.62 3.99 25.29
C GLN G 48 19.41 5.41 24.81
N GLY G 49 18.14 5.75 24.59
CA GLY G 49 17.83 7.08 24.14
C GLY G 49 17.92 7.17 22.63
N ASP G 50 16.80 7.47 22.00
CA ASP G 50 16.77 7.60 20.55
C ASP G 50 16.19 8.95 20.20
N TYR G 51 16.48 9.41 18.99
CA TYR G 51 16.01 10.70 18.51
C TYR G 51 15.83 10.62 17.01
N ASP G 52 14.88 11.34 16.54
CA ASP G 52 14.54 11.47 15.13
C ASP G 52 15.19 12.73 14.72
N GLN G 53 16.01 12.68 13.72
CA GLN G 53 16.73 13.83 13.21
C GLN G 53 15.90 14.50 12.08
N SER G 54 14.75 13.89 11.82
CA SER G 54 13.83 14.42 10.84
C SER G 54 13.21 15.70 11.38
N ARG G 55 12.55 15.64 12.54
CA ARG G 55 11.96 16.85 13.07
C ARG G 55 12.60 17.36 14.35
N THR G 56 13.72 16.77 14.76
CA THR G 56 14.37 17.24 15.98
C THR G 56 15.90 17.39 15.87
N LYS G 57 16.42 18.53 16.35
CA LYS G 57 17.86 18.79 16.38
C LYS G 57 18.25 19.09 17.83
N VAL G 58 19.49 18.78 18.19
CA VAL G 58 19.99 18.97 19.55
C VAL G 58 20.97 20.13 19.67
N LEU G 59 20.63 21.10 20.51
CA LEU G 59 21.49 22.27 20.70
C LEU G 59 22.01 22.37 22.12
N HIS G 60 23.04 23.19 22.29
CA HIS G 60 23.64 23.44 23.59
C HIS G 60 24.54 24.64 23.46
N MET G 61 24.98 25.20 24.58
CA MET G 61 25.87 26.35 24.49
C MET G 61 27.26 25.76 24.24
N SER G 62 27.99 26.34 23.29
CA SER G 62 29.33 25.82 22.97
C SER G 62 30.27 25.97 24.18
N LEU G 63 30.14 27.07 24.90
CA LEU G 63 30.90 27.30 26.12
C LEU G 63 29.98 26.89 27.28
N ASN G 64 30.29 25.77 27.92
CA ASN G 64 29.46 25.28 29.03
C ASN G 64 30.32 24.62 30.13
N PRO G 65 29.70 24.25 31.28
CA PRO G 65 30.45 23.61 32.37
C PRO G 65 31.33 22.41 32.00
N THR G 66 30.84 21.51 31.16
CA THR G 66 31.63 20.35 30.77
C THR G 66 32.80 20.76 29.84
N SER G 67 32.54 21.67 28.91
CA SER G 67 33.57 22.11 27.98
C SER G 67 34.64 22.90 28.73
N VAL G 68 34.21 23.73 29.67
CA VAL G 68 35.16 24.50 30.44
C VAL G 68 36.03 23.58 31.31
N ALA G 69 35.41 22.55 31.89
CA ALA G 69 36.14 21.64 32.75
C ALA G 69 37.10 20.73 32.01
N ARG G 70 36.76 20.36 30.78
CA ARG G 70 37.66 19.49 30.02
C ARG G 70 38.85 20.33 29.59
N GLN G 71 38.62 21.60 29.32
CA GLN G 71 39.69 22.51 28.93
C GLN G 71 40.67 22.59 30.09
N ARG G 72 40.20 23.07 31.24
CA ARG G 72 41.07 23.19 32.40
C ARG G 72 41.90 21.94 32.63
N LEU G 73 41.29 20.78 32.42
CA LEU G 73 42.01 19.52 32.62
C LEU G 73 43.20 19.36 31.67
N ARG G 74 43.03 19.78 30.42
CA ARG G 74 44.11 19.69 29.44
C ARG G 74 45.17 20.70 29.86
N GLU G 75 44.69 21.90 30.18
CA GLU G 75 45.51 23.03 30.62
C GLU G 75 46.32 22.63 31.86
N ASP G 76 45.72 21.83 32.74
CA ASP G 76 46.43 21.37 33.92
C ASP G 76 47.45 20.32 33.52
N HIS G 77 47.13 19.53 32.49
CA HIS G 77 48.04 18.50 32.03
C HIS G 77 49.22 19.07 31.30
N SER G 78 48.99 20.22 30.70
CA SER G 78 50.03 20.89 29.96
C SER G 78 50.99 21.52 30.94
N GLN G 79 50.48 22.09 32.03
CA GLN G 79 51.35 22.72 33.01
C GLN G 79 52.20 21.64 33.69
N LEU G 80 51.56 20.50 33.96
CA LEU G 80 52.22 19.37 34.60
C LEU G 80 53.32 18.85 33.67
N GLN G 81 53.04 18.87 32.37
CA GLN G 81 53.97 18.42 31.35
C GLN G 81 55.18 19.36 31.31
N ALA G 82 54.90 20.65 31.25
CA ALA G 82 55.93 21.68 31.19
C ALA G 82 56.78 21.73 32.46
N GLU G 83 56.22 21.28 33.57
CA GLU G 83 56.95 21.27 34.83
C GLU G 83 57.90 20.09 34.87
N CYS G 84 57.43 18.94 34.39
CA CYS G 84 58.25 17.73 34.35
C CYS G 84 59.50 17.99 33.51
N GLU G 85 59.34 18.68 32.39
CA GLU G 85 60.46 18.99 31.52
C GLU G 85 61.42 19.95 32.23
N ARG G 86 60.86 20.99 32.85
CA ARG G 86 61.64 21.98 33.56
C ARG G 86 62.55 21.27 34.56
N LEU G 87 61.97 20.38 35.37
CA LEU G 87 62.73 19.64 36.36
C LEU G 87 63.72 18.71 35.70
N ARG G 88 63.31 18.06 34.61
CA ARG G 88 64.17 17.15 33.90
C ARG G 88 65.41 17.87 33.37
N GLY G 89 65.20 19.05 32.82
CA GLY G 89 66.27 19.89 32.26
C GLY G 89 67.21 20.33 33.39
N LEU G 90 66.66 20.74 34.51
CA LEU G 90 67.51 21.13 35.67
C LEU G 90 68.39 19.94 36.12
N LEU G 91 67.80 18.75 36.18
CA LEU G 91 68.51 17.51 36.51
C LEU G 91 69.58 17.21 35.44
N ARG G 92 69.19 17.03 34.14
CA ARG G 92 70.17 16.69 33.12
C ARG G 92 71.26 17.78 32.90
N ALA G 93 71.14 18.91 33.59
CA ALA G 93 72.12 20.00 33.53
C ALA G 93 72.72 20.09 34.90
N MET G 94 71.93 19.75 35.88
CA MET G 94 72.39 19.68 37.25
C MET G 94 73.58 18.71 37.22
N GLU G 95 73.35 17.54 36.65
CA GLU G 95 74.33 16.42 36.59
C GLU G 95 75.44 16.57 35.57
N ARG G 96 75.18 17.26 34.46
CA ARG G 96 76.21 17.41 33.45
C ARG G 96 77.40 18.20 33.96
N GLY G 97 77.15 19.21 34.78
CA GLY G 97 78.25 20.03 35.25
C GLY G 97 78.57 19.98 36.72
N GLY G 98 78.40 18.84 37.35
CA GLY G 98 78.72 18.75 38.76
C GLY G 98 78.24 19.90 39.64
N THR G 99 76.97 19.80 39.99
CA THR G 99 76.21 20.69 40.86
C THR G 99 75.67 19.45 41.58
N VAL G 100 75.81 18.41 40.77
CA VAL G 100 75.53 17.00 40.89
C VAL G 100 75.93 16.93 39.40
N ALA H 3 -28.06 6.28 14.80
CA ALA H 3 -26.60 5.99 14.63
C ALA H 3 -26.24 5.79 13.16
N GLU H 4 -26.26 4.54 12.70
CA GLU H 4 -25.94 4.23 11.32
C GLU H 4 -27.19 4.12 10.44
N GLN H 5 -28.36 4.02 11.05
CA GLN H 5 -29.61 3.95 10.31
C GLN H 5 -29.69 5.30 9.60
N SER H 6 -29.25 6.33 10.33
CA SER H 6 -29.25 7.70 9.82
C SER H 6 -28.39 7.75 8.58
N PHE H 7 -27.91 6.59 8.14
CA PHE H 7 -27.08 6.55 6.95
C PHE H 7 -27.86 6.09 5.77
N LEU H 8 -28.59 7.12 5.40
CA LEU H 8 -29.58 7.33 4.39
C LEU H 8 -28.99 8.55 3.69
N PHE H 9 -27.92 9.08 4.29
CA PHE H 9 -27.20 10.23 3.75
C PHE H 9 -25.93 9.69 3.12
N SER H 10 -26.08 8.78 2.16
CA SER H 10 -24.95 8.17 1.48
C SER H 10 -24.01 9.18 0.88
N ARG H 11 -24.54 10.19 0.20
CA ARG H 11 -23.63 11.16 -0.38
C ARG H 11 -22.80 11.91 0.68
N GLU H 12 -23.43 12.42 1.74
CA GLU H 12 -22.67 13.11 2.79
C GLU H 12 -21.70 12.14 3.48
N GLU H 13 -22.15 10.90 3.69
CA GLU H 13 -21.31 9.91 4.33
C GLU H 13 -20.07 9.59 3.51
N ALA H 14 -20.20 9.57 2.19
CA ALA H 14 -19.07 9.27 1.33
C ALA H 14 -18.00 10.36 1.44
N ASP H 15 -18.42 11.62 1.53
CA ASP H 15 -17.45 12.70 1.66
C ASP H 15 -16.67 12.52 2.96
N THR H 16 -17.37 12.15 4.03
CA THR H 16 -16.72 11.93 5.30
C THR H 16 -15.76 10.74 5.22
N LEU H 17 -16.20 9.65 4.60
CA LEU H 17 -15.37 8.46 4.48
C LEU H 17 -14.17 8.77 3.60
N ARG H 18 -14.37 9.67 2.65
CA ARG H 18 -13.32 10.09 1.74
C ARG H 18 -12.22 10.77 2.57
N LEU H 19 -12.62 11.77 3.34
CA LEU H 19 -11.69 12.49 4.19
C LEU H 19 -11.00 11.54 5.15
N LYS H 20 -11.73 10.53 5.63
CA LYS H 20 -11.16 9.55 6.55
C LYS H 20 -10.13 8.70 5.83
N VAL H 21 -10.33 8.47 4.54
CA VAL H 21 -9.39 7.68 3.78
C VAL H 21 -8.08 8.46 3.69
N GLU H 22 -8.18 9.74 3.35
CA GLU H 22 -7.02 10.59 3.25
C GLU H 22 -6.23 10.61 4.55
N GLU H 23 -6.91 10.86 5.67
CA GLU H 23 -6.25 10.91 6.97
C GLU H 23 -5.56 9.58 7.30
N LEU H 24 -6.24 8.46 7.04
CA LEU H 24 -5.67 7.15 7.32
C LEU H 24 -4.46 6.87 6.45
N GLU H 25 -4.39 7.52 5.29
CA GLU H 25 -3.27 7.33 4.39
C GLU H 25 -2.09 8.10 4.94
N GLY H 26 -2.33 9.32 5.39
CA GLY H 26 -1.27 10.13 5.98
C GLY H 26 -0.71 9.40 7.18
N GLU H 27 -1.56 9.00 8.12
CA GLU H 27 -1.11 8.29 9.30
C GLU H 27 -0.26 7.06 8.93
N ARG H 28 -0.64 6.37 7.85
CA ARG H 28 0.09 5.19 7.41
C ARG H 28 1.52 5.52 6.99
N SER H 29 1.70 6.55 6.19
CA SER H 29 3.02 6.92 5.72
C SER H 29 3.92 7.39 6.86
N ARG H 30 3.38 8.20 7.76
CA ARG H 30 4.13 8.70 8.90
C ARG H 30 4.64 7.51 9.71
N LEU H 31 3.81 6.49 9.87
CA LEU H 31 4.20 5.31 10.62
C LEU H 31 5.30 4.52 9.91
N GLU H 32 5.21 4.43 8.59
CA GLU H 32 6.21 3.70 7.81
C GLU H 32 7.60 4.28 7.97
N GLU H 33 7.70 5.61 7.93
CA GLU H 33 8.99 6.26 8.09
C GLU H 33 9.49 6.13 9.53
N GLU H 34 8.58 6.28 10.49
CA GLU H 34 8.99 6.13 11.89
C GLU H 34 9.60 4.75 12.02
N LYS H 35 9.03 3.79 11.28
CA LYS H 35 9.54 2.42 11.31
C LYS H 35 10.95 2.40 10.74
N ARG H 36 11.19 3.22 9.72
CA ARG H 36 12.51 3.32 9.09
C ARG H 36 13.52 3.84 10.12
N MET H 37 13.23 5.00 10.71
CA MET H 37 14.09 5.58 11.73
C MET H 37 14.46 4.53 12.76
N LEU H 38 13.46 3.83 13.29
CA LEU H 38 13.72 2.80 14.28
C LEU H 38 14.63 1.73 13.71
N GLU H 39 14.37 1.36 12.45
CA GLU H 39 15.14 0.35 11.76
C GLU H 39 16.59 0.78 11.57
N ALA H 40 16.78 1.94 10.95
CA ALA H 40 18.12 2.47 10.69
C ALA H 40 18.91 2.49 12.00
N GLN H 41 18.37 3.18 13.00
CA GLN H 41 18.99 3.30 14.29
C GLN H 41 19.40 1.97 14.89
N LEU H 42 18.46 1.03 14.98
CA LEU H 42 18.75 -0.27 15.57
C LEU H 42 19.92 -1.02 14.93
N GLU H 43 19.90 -1.15 13.61
CA GLU H 43 20.95 -1.87 12.91
C GLU H 43 22.22 -1.07 12.77
N ARG H 44 22.09 0.26 12.70
CA ARG H 44 23.25 1.12 12.59
C ARG H 44 23.99 1.24 13.91
N ARG H 45 23.41 0.64 14.96
CA ARG H 45 23.99 0.66 16.30
C ARG H 45 24.48 -0.73 16.65
N ALA H 46 23.79 -1.75 16.14
CA ALA H 46 24.17 -3.13 16.41
C ALA H 46 25.58 -3.40 15.90
N LEU H 47 25.96 -2.67 14.85
CA LEU H 47 27.29 -2.82 14.25
C LEU H 47 28.34 -2.08 15.10
N GLN H 48 27.90 -1.01 15.76
CA GLN H 48 28.76 -0.20 16.62
C GLN H 48 28.96 -0.89 17.96
N GLY H 49 28.44 -2.10 18.10
CA GLY H 49 28.61 -2.83 19.33
C GLY H 49 27.37 -3.01 20.18
N ASP H 50 26.27 -2.37 19.80
CA ASP H 50 25.05 -2.50 20.60
C ASP H 50 24.54 -3.94 20.65
N TYR H 51 23.71 -4.23 21.64
CA TYR H 51 23.20 -5.57 21.81
C TYR H 51 21.96 -5.63 22.70
N ASP H 52 21.36 -6.80 22.77
CA ASP H 52 20.15 -7.05 23.55
C ASP H 52 20.55 -7.63 24.90
N GLN H 53 20.25 -6.89 25.98
CA GLN H 53 20.59 -7.32 27.35
C GLN H 53 20.04 -8.68 27.70
N SER H 54 18.85 -8.99 27.17
CA SER H 54 18.22 -10.27 27.46
C SER H 54 18.80 -11.40 26.64
N ARG H 55 19.50 -11.05 25.57
CA ARG H 55 20.09 -12.04 24.66
C ARG H 55 21.61 -12.07 24.69
N THR H 56 22.23 -10.91 24.79
CA THR H 56 23.68 -10.79 24.79
C THR H 56 24.24 -10.27 26.11
N LYS H 57 25.45 -10.73 26.43
CA LYS H 57 26.19 -10.39 27.65
C LYS H 57 27.65 -10.22 27.23
N VAL H 58 28.31 -9.20 27.75
CA VAL H 58 29.71 -8.94 27.40
C VAL H 58 30.67 -9.30 28.52
N LEU H 59 31.58 -10.23 28.22
CA LEU H 59 32.55 -10.66 29.22
C LEU H 59 33.98 -10.32 28.79
N HIS H 60 34.89 -10.35 29.76
CA HIS H 60 36.30 -10.08 29.50
C HIS H 60 37.11 -10.47 30.74
N MET H 61 38.42 -10.26 30.65
CA MET H 61 39.35 -10.57 31.73
C MET H 61 39.46 -9.39 32.71
N SER H 62 39.11 -9.64 33.97
CA SER H 62 39.20 -8.62 35.01
C SER H 62 40.61 -8.05 34.98
N LEU H 63 41.56 -8.95 34.72
CA LEU H 63 42.98 -8.63 34.63
C LEU H 63 43.29 -8.57 33.14
N ASN H 64 43.61 -7.38 32.64
CA ASN H 64 43.91 -7.25 31.21
C ASN H 64 44.85 -6.10 30.88
N PRO H 65 45.43 -6.11 29.66
CA PRO H 65 46.36 -5.06 29.22
C PRO H 65 45.95 -3.66 29.66
N THR H 66 44.80 -3.20 29.18
CA THR H 66 44.27 -1.88 29.50
C THR H 66 44.18 -1.69 31.01
N SER H 67 43.70 -2.72 31.70
CA SER H 67 43.57 -2.69 33.15
C SER H 67 44.94 -2.42 33.74
N VAL H 68 45.92 -3.23 33.36
CA VAL H 68 47.28 -3.11 33.85
C VAL H 68 47.93 -1.76 33.48
N ALA H 69 47.85 -1.38 32.22
CA ALA H 69 48.43 -0.11 31.78
C ALA H 69 47.86 1.04 32.59
N ARG H 70 46.60 0.89 33.02
CA ARG H 70 45.96 1.93 33.81
C ARG H 70 46.57 1.94 35.20
N GLN H 71 47.00 0.77 35.67
CA GLN H 71 47.63 0.69 36.97
C GLN H 71 49.05 1.27 36.89
N ARG H 72 49.85 0.95 35.85
CA ARG H 72 51.16 1.61 35.78
C ARG H 72 51.11 2.89 34.95
N LEU H 73 50.34 3.82 35.53
CA LEU H 73 50.14 5.21 35.13
C LEU H 73 49.97 5.88 36.47
N ARG H 74 48.99 5.26 37.13
CA ARG H 74 48.57 5.53 38.47
C ARG H 74 49.81 5.46 39.36
N GLU H 75 50.46 4.29 39.35
CA GLU H 75 51.67 4.05 40.14
C GLU H 75 52.76 5.07 39.85
N ASP H 76 53.10 5.21 38.56
CA ASP H 76 54.11 6.16 38.11
C ASP H 76 53.86 7.56 38.66
N HIS H 77 52.63 8.04 38.53
CA HIS H 77 52.32 9.37 39.02
C HIS H 77 52.40 9.40 40.55
N SER H 78 52.43 8.21 41.15
CA SER H 78 52.53 8.13 42.59
C SER H 78 54.00 8.08 42.97
N GLN H 79 54.78 7.33 42.19
CA GLN H 79 56.22 7.20 42.41
C GLN H 79 56.86 8.56 42.21
N LEU H 80 56.50 9.19 41.10
CA LEU H 80 57.02 10.50 40.75
C LEU H 80 56.72 11.47 41.88
N GLN H 81 55.47 11.53 42.32
CA GLN H 81 55.08 12.44 43.38
C GLN H 81 55.93 12.16 44.63
N ALA H 82 56.09 10.88 44.94
CA ALA H 82 56.86 10.46 46.10
C ALA H 82 58.34 10.85 45.98
N GLU H 83 58.98 10.48 44.87
CA GLU H 83 60.38 10.81 44.68
C GLU H 83 60.66 12.31 44.75
N CYS H 84 59.75 13.13 44.24
CA CYS H 84 59.95 14.57 44.32
C CYS H 84 60.01 14.97 45.79
N GLU H 85 59.14 14.38 46.59
CA GLU H 85 59.11 14.68 48.01
C GLU H 85 60.36 14.10 48.66
N ARG H 86 60.70 12.88 48.31
CA ARG H 86 61.89 12.23 48.86
C ARG H 86 63.12 13.09 48.57
N LEU H 87 63.44 13.29 47.30
CA LEU H 87 64.59 14.09 46.95
C LEU H 87 64.52 15.44 47.63
N ARG H 88 63.33 16.03 47.66
CA ARG H 88 63.17 17.32 48.30
C ARG H 88 63.66 17.23 49.75
N GLY H 89 63.25 16.16 50.43
CA GLY H 89 63.65 15.96 51.82
C GLY H 89 65.16 15.92 51.98
N LEU H 90 65.82 15.04 51.24
CA LEU H 90 67.27 14.91 51.29
C LEU H 90 67.95 16.27 51.13
N LEU H 91 67.58 16.98 50.06
CA LEU H 91 68.14 18.30 49.80
C LEU H 91 67.87 19.26 50.95
N ARG H 92 66.70 19.13 51.58
CA ARG H 92 66.38 20.02 52.70
C ARG H 92 67.29 19.69 53.86
N ALA H 93 67.50 18.39 54.08
CA ALA H 93 68.36 17.93 55.15
C ALA H 93 69.64 18.75 55.09
N MET H 94 70.39 18.58 54.00
CA MET H 94 71.61 19.36 53.82
C MET H 94 71.18 20.82 53.61
N GLU H 95 71.07 21.57 54.71
CA GLU H 95 70.65 22.96 54.69
C GLU H 95 71.00 23.70 53.41
#